data_5UOD
#
_entry.id   5UOD
#
_cell.length_a   57.540
_cell.length_b   106.060
_cell.length_c   156.650
_cell.angle_alpha   90.00
_cell.angle_beta   90.00
_cell.angle_gamma   90.00
#
_symmetry.space_group_name_H-M   'P 21 21 21'
#
loop_
_entity.id
_entity.type
_entity.pdbx_description
1 polymer 'Nitric oxide synthase, endothelial'
2 non-polymer 'PROTOPORPHYRIN IX CONTAINING FE'
3 non-polymer 5,6,7,8-TETRAHYDROBIOPTERIN
4 non-polymer 3-[(2-amino-4-methylquinolin-7-yl)methoxy]-5-[(methylamino)methyl]benzonitrile
5 non-polymer GLYCEROL
6 non-polymer 'ZINC ION'
7 water water
#
_entity_poly.entity_id   1
_entity_poly.type   'polypeptide(L)'
_entity_poly.pdbx_seq_one_letter_code
;RAPAPATPHAPDHSPAPNSPTLTRPPEGPKFPRVKNWELGSITYDTLCAQSQQDGPCTPRRCLGSLVLPRKLQTRPSPGP
PPAEQLLSQARDFINQYYSSIKRSGSQAHEERLQEVEAEVASTGTYHLRESELVFGAKQAWRNAPRCVGRIQWGKLQVFD
ARDCSSAQEMFTYICNHIKYATNRGNLRSAITVFPQRAPGRGDFRIWNSQLVRYAGYRQQDGSVRGDPANVEITELCIQH
GWTPGNGRFDVLPLLLQAPDEAPELFVLPPELVLEVPLEHPTLEWFAALGLRWYALPAVSNMLLEIGGLEFSAAPFSGWY
MSTEIGTRNLCDPHRYNILEDVAV(CAS)MDLDTRTTSSLWKDKAAVEINLAVLHSFQLAKVTIVDHHAATVSFMKHLDN
EQKARGGCPADWAWIVPPISGSLTPVFHQEMVNYILSPAFRYQPDPW
;
_entity_poly.pdbx_strand_id   A,B
#
loop_
_chem_comp.id
_chem_comp.type
_chem_comp.name
_chem_comp.formula
8EY non-polymer 3-[(2-amino-4-methylquinolin-7-yl)methoxy]-5-[(methylamino)methyl]benzonitrile 'C20 H20 N4 O'
GOL non-polymer GLYCEROL 'C3 H8 O3'
H4B non-polymer 5,6,7,8-TETRAHYDROBIOPTERIN 'C9 H15 N5 O3'
HEM non-polymer 'PROTOPORPHYRIN IX CONTAINING FE' 'C34 H32 Fe N4 O4'
ZN non-polymer 'ZINC ION' 'Zn 2'
#
# COMPACT_ATOMS: atom_id res chain seq x y z
N GLY A 28 15.23 10.25 -21.26
CA GLY A 28 14.48 9.05 -21.57
C GLY A 28 13.08 9.34 -22.10
N PRO A 29 12.23 8.30 -22.17
CA PRO A 29 10.83 8.46 -22.59
C PRO A 29 10.04 9.39 -21.64
N LYS A 30 9.19 10.23 -22.24
CA LYS A 30 8.43 11.24 -21.49
C LYS A 30 7.15 10.69 -20.88
N PHE A 31 7.26 9.56 -20.19
CA PHE A 31 6.11 8.89 -19.60
C PHE A 31 6.57 8.33 -18.28
N PRO A 32 5.64 8.08 -17.35
CA PRO A 32 6.05 7.50 -16.07
C PRO A 32 6.91 6.24 -16.30
N ARG A 33 8.03 6.15 -15.59
CA ARG A 33 8.84 4.95 -15.66
C ARG A 33 8.49 4.06 -14.48
N VAL A 34 8.22 2.79 -14.77
CA VAL A 34 7.68 1.86 -13.80
C VAL A 34 8.65 0.70 -13.61
N LYS A 35 9.06 0.46 -12.36
CA LYS A 35 10.04 -0.58 -12.08
C LYS A 35 9.52 -1.72 -11.19
N ASN A 36 9.91 -2.95 -11.54
CA ASN A 36 9.68 -4.08 -10.63
C ASN A 36 10.98 -4.35 -9.86
N TRP A 37 10.93 -4.21 -8.53
CA TRP A 37 12.15 -4.31 -7.73
C TRP A 37 12.58 -5.75 -7.45
N GLU A 38 11.70 -6.71 -7.64
CA GLU A 38 12.09 -8.11 -7.48
C GLU A 38 12.96 -8.53 -8.67
N LEU A 39 12.53 -8.15 -9.87
CA LEU A 39 13.17 -8.62 -11.10
C LEU A 39 14.11 -7.59 -11.74
N GLY A 40 14.01 -6.34 -11.32
CA GLY A 40 14.86 -5.31 -11.88
C GLY A 40 14.41 -4.81 -13.23
N SER A 41 13.23 -5.24 -13.68
CA SER A 41 12.72 -4.84 -15.00
C SER A 41 11.95 -3.51 -14.98
N ILE A 42 11.99 -2.83 -16.12
CA ILE A 42 11.50 -1.47 -16.27
C ILE A 42 10.48 -1.41 -17.41
N THR A 43 9.37 -0.70 -17.21
CA THR A 43 8.47 -0.36 -18.31
C THR A 43 8.13 1.13 -18.25
N TYR A 44 7.56 1.66 -19.33
CA TYR A 44 7.02 3.02 -19.32
C TYR A 44 5.53 2.97 -19.62
N ASP A 45 4.75 3.71 -18.85
CA ASP A 45 3.29 3.72 -19.09
C ASP A 45 2.96 4.84 -20.07
N THR A 46 2.51 4.48 -21.27
CA THR A 46 2.01 5.46 -22.22
C THR A 46 0.48 5.53 -22.21
N LEU A 47 -0.16 4.49 -21.67
CA LEU A 47 -1.63 4.46 -21.63
C LEU A 47 -2.20 5.63 -20.83
N CYS A 48 -1.46 6.08 -19.82
CA CYS A 48 -1.96 7.15 -18.95
C CYS A 48 -2.26 8.43 -19.72
N ALA A 49 -1.61 8.63 -20.86
CA ALA A 49 -1.87 9.79 -21.72
C ALA A 49 -3.32 9.85 -22.20
N GLN A 50 -4.00 8.71 -22.16
CA GLN A 50 -5.39 8.61 -22.58
C GLN A 50 -6.37 9.05 -21.50
N SER A 51 -5.89 9.27 -20.29
CA SER A 51 -6.78 9.64 -19.18
C SER A 51 -7.41 11.01 -19.41
N GLN A 52 -8.74 11.05 -19.37
CA GLN A 52 -9.49 12.28 -19.62
C GLN A 52 -10.07 12.87 -18.33
N GLN A 53 -9.77 12.22 -17.21
CA GLN A 53 -10.38 12.60 -15.93
C GLN A 53 -9.32 12.65 -14.82
N ASP A 54 -9.37 13.72 -14.03
CA ASP A 54 -8.40 13.95 -12.97
C ASP A 54 -8.72 13.14 -11.72
N GLY A 55 -7.66 12.68 -11.05
CA GLY A 55 -7.79 12.03 -9.77
C GLY A 55 -7.53 13.06 -8.70
N PRO A 56 -7.26 12.61 -7.47
CA PRO A 56 -7.14 13.47 -6.30
C PRO A 56 -5.74 14.03 -6.03
N CYS A 57 -4.71 13.55 -6.73
CA CYS A 57 -3.34 13.98 -6.41
C CYS A 57 -2.91 15.26 -7.12
N THR A 58 -1.96 15.97 -6.50
CA THR A 58 -1.31 17.13 -7.11
C THR A 58 0.20 17.03 -6.87
N PRO A 59 1.01 17.86 -7.57
CA PRO A 59 2.44 17.87 -7.28
C PRO A 59 2.75 18.09 -5.80
N ARG A 60 1.90 18.84 -5.10
CA ARG A 60 2.15 19.18 -3.70
C ARG A 60 1.81 18.09 -2.68
N ARG A 61 0.79 17.27 -2.97
CA ARG A 61 0.47 16.16 -2.07
C ARG A 61 -0.24 14.99 -2.73
N CYS A 62 0.20 13.79 -2.37
CA CYS A 62 -0.39 12.56 -2.85
C CYS A 62 -1.55 12.14 -1.95
N LEU A 63 -2.68 11.83 -2.58
CA LEU A 63 -3.88 11.45 -1.86
C LEU A 63 -4.30 10.05 -2.30
N GLY A 64 -3.31 9.24 -2.69
CA GLY A 64 -3.59 7.93 -3.28
C GLY A 64 -4.22 6.95 -2.32
N SER A 65 -4.04 7.16 -1.03
CA SER A 65 -4.57 6.25 -0.02
C SER A 65 -6.03 6.55 0.32
N LEU A 66 -6.57 7.63 -0.24
CA LEU A 66 -7.94 8.00 0.11
C LEU A 66 -8.92 7.04 -0.57
N VAL A 67 -9.88 6.53 0.19
CA VAL A 67 -10.82 5.53 -0.34
C VAL A 67 -11.81 6.15 -1.32
N LEU A 68 -12.41 7.26 -0.90
CA LEU A 68 -13.46 7.93 -1.65
C LEU A 68 -13.10 9.40 -1.79
N PRO A 69 -12.24 9.72 -2.76
CA PRO A 69 -11.90 11.13 -2.94
C PRO A 69 -12.95 11.83 -3.81
N ARG A 70 -13.20 13.10 -3.52
CA ARG A 70 -14.23 13.87 -4.21
C ARG A 70 -13.98 13.98 -5.71
N PRO A 82 -25.64 18.80 -20.54
CA PRO A 82 -24.51 19.45 -21.20
C PRO A 82 -24.12 18.69 -22.47
N ALA A 83 -24.93 18.85 -23.51
CA ALA A 83 -24.85 18.00 -24.71
C ALA A 83 -23.47 17.92 -25.35
N GLU A 84 -22.66 18.96 -25.22
CA GLU A 84 -21.34 18.96 -25.84
C GLU A 84 -20.32 18.17 -25.01
N GLN A 85 -20.50 18.17 -23.69
CA GLN A 85 -19.69 17.33 -22.82
C GLN A 85 -20.04 15.86 -23.07
N LEU A 86 -21.34 15.59 -23.26
CA LEU A 86 -21.81 14.25 -23.56
C LEU A 86 -21.23 13.79 -24.90
N LEU A 87 -21.38 14.63 -25.92
CA LEU A 87 -20.95 14.31 -27.27
C LEU A 87 -19.46 13.98 -27.39
N SER A 88 -18.62 14.69 -26.65
CA SER A 88 -17.19 14.41 -26.70
C SER A 88 -16.86 13.07 -26.04
N GLN A 89 -17.52 12.76 -24.93
CA GLN A 89 -17.36 11.45 -24.31
C GLN A 89 -17.87 10.35 -25.24
N ALA A 90 -19.01 10.61 -25.88
CA ALA A 90 -19.61 9.66 -26.80
C ALA A 90 -18.67 9.39 -27.98
N ARG A 91 -18.17 10.44 -28.60
CA ARG A 91 -17.25 10.27 -29.73
C ARG A 91 -16.02 9.47 -29.32
N ASP A 92 -15.48 9.77 -28.14
CA ASP A 92 -14.29 9.06 -27.69
C ASP A 92 -14.57 7.58 -27.52
N PHE A 93 -15.75 7.25 -26.99
CA PHE A 93 -16.08 5.86 -26.79
C PHE A 93 -16.29 5.14 -28.13
N ILE A 94 -17.00 5.79 -29.06
CA ILE A 94 -17.25 5.17 -30.37
C ILE A 94 -15.92 4.95 -31.07
N ASN A 95 -14.97 5.88 -30.87
CA ASN A 95 -13.62 5.71 -31.39
C ASN A 95 -12.94 4.49 -30.78
N GLN A 96 -13.04 4.34 -29.47
CA GLN A 96 -12.52 3.15 -28.80
C GLN A 96 -13.13 1.86 -29.36
N TYR A 97 -14.44 1.91 -29.61
CA TYR A 97 -15.13 0.71 -30.10
C TYR A 97 -14.62 0.29 -31.46
N TYR A 98 -14.57 1.24 -32.38
CA TYR A 98 -14.12 0.94 -33.73
C TYR A 98 -12.63 0.58 -33.83
N SER A 99 -11.81 1.08 -32.91
CA SER A 99 -10.42 0.64 -32.84
C SER A 99 -10.40 -0.83 -32.44
N SER A 100 -11.23 -1.17 -31.46
CA SER A 100 -11.22 -2.50 -30.89
C SER A 100 -11.62 -3.54 -31.92
N ILE A 101 -12.40 -3.13 -32.92
CA ILE A 101 -12.74 -4.03 -34.02
C ILE A 101 -11.95 -3.72 -35.29
N LYS A 102 -10.95 -2.85 -35.17
CA LYS A 102 -10.04 -2.53 -36.28
C LYS A 102 -10.75 -1.95 -37.52
N ARG A 103 -11.76 -1.13 -37.29
CA ARG A 103 -12.46 -0.43 -38.37
C ARG A 103 -12.37 1.09 -38.19
N SER A 104 -11.30 1.53 -37.55
CA SER A 104 -11.10 2.95 -37.25
C SER A 104 -10.82 3.80 -38.50
N GLY A 105 -11.71 4.76 -38.78
CA GLY A 105 -11.60 5.60 -39.96
C GLY A 105 -12.55 5.15 -41.06
N SER A 106 -13.15 3.97 -40.87
CA SER A 106 -14.04 3.38 -41.87
C SER A 106 -15.33 4.17 -42.06
N GLN A 107 -16.06 3.83 -43.11
CA GLN A 107 -17.36 4.41 -43.39
C GLN A 107 -18.35 4.11 -42.25
N ALA A 108 -18.31 2.88 -41.74
CA ALA A 108 -19.19 2.50 -40.65
C ALA A 108 -18.86 3.27 -39.36
N HIS A 109 -17.56 3.50 -39.14
CA HIS A 109 -17.11 4.32 -38.01
C HIS A 109 -17.72 5.73 -38.13
N GLU A 110 -17.53 6.36 -39.30
CA GLU A 110 -18.00 7.73 -39.50
C GLU A 110 -19.53 7.81 -39.44
N GLU A 111 -20.21 6.80 -39.98
CA GLU A 111 -21.68 6.75 -39.93
C GLU A 111 -22.21 6.60 -38.50
N ARG A 112 -21.51 5.83 -37.69
CA ARG A 112 -21.95 5.65 -36.32
C ARG A 112 -21.75 6.95 -35.56
N LEU A 113 -20.64 7.64 -35.86
CA LEU A 113 -20.38 8.94 -35.24
C LEU A 113 -21.53 9.90 -35.58
N GLN A 114 -21.85 10.00 -36.87
CA GLN A 114 -22.96 10.85 -37.32
C GLN A 114 -24.26 10.51 -36.61
N GLU A 115 -24.51 9.21 -36.44
CA GLU A 115 -25.74 8.74 -35.84
C GLU A 115 -25.84 9.13 -34.36
N VAL A 116 -24.72 9.08 -33.65
CA VAL A 116 -24.71 9.46 -32.24
C VAL A 116 -24.94 10.97 -32.08
N GLU A 117 -24.36 11.77 -32.97
CA GLU A 117 -24.51 13.23 -32.91
C GLU A 117 -25.94 13.64 -33.19
N ALA A 118 -26.51 13.06 -34.24
CA ALA A 118 -27.91 13.26 -34.58
C ALA A 118 -28.80 12.92 -33.39
N GLU A 119 -28.55 11.76 -32.78
CA GLU A 119 -29.40 11.28 -31.70
C GLU A 119 -29.34 12.21 -30.48
N VAL A 120 -28.14 12.67 -30.15
CA VAL A 120 -27.97 13.60 -29.04
C VAL A 120 -28.60 14.96 -29.38
N ALA A 121 -28.56 15.33 -30.65
CA ALA A 121 -29.14 16.61 -31.06
C ALA A 121 -30.66 16.65 -30.94
N SER A 122 -31.32 15.52 -31.21
CA SER A 122 -32.78 15.49 -31.23
C SER A 122 -33.42 14.97 -29.95
N THR A 123 -32.61 14.44 -29.04
CA THR A 123 -33.16 13.83 -27.82
C THR A 123 -32.38 14.22 -26.56
N GLY A 124 -31.16 14.71 -26.73
CA GLY A 124 -30.32 15.07 -25.61
C GLY A 124 -29.47 13.92 -25.09
N THR A 125 -29.81 12.71 -25.53
CA THR A 125 -29.04 11.53 -25.17
C THR A 125 -28.88 10.64 -26.39
N TYR A 126 -28.27 9.47 -26.20
CA TYR A 126 -28.22 8.48 -27.27
C TYR A 126 -28.25 7.06 -26.70
N HIS A 127 -28.17 6.06 -27.57
CA HIS A 127 -28.25 4.67 -27.11
C HIS A 127 -27.17 3.75 -27.71
N LEU A 128 -26.68 2.82 -26.90
CA LEU A 128 -25.61 1.94 -27.34
C LEU A 128 -26.18 0.77 -28.11
N ARG A 129 -25.53 0.37 -29.20
CA ARG A 129 -25.81 -0.92 -29.79
C ARG A 129 -25.35 -2.00 -28.82
N GLU A 130 -25.94 -3.19 -28.96
CA GLU A 130 -25.63 -4.34 -28.12
C GLU A 130 -24.13 -4.62 -28.05
N SER A 131 -23.47 -4.66 -29.21
CA SER A 131 -22.05 -4.97 -29.24
C SER A 131 -21.21 -3.86 -28.60
N GLU A 132 -21.68 -2.62 -28.68
CA GLU A 132 -21.02 -1.53 -27.98
C GLU A 132 -21.19 -1.68 -26.48
N LEU A 133 -22.37 -2.09 -26.04
CA LEU A 133 -22.58 -2.28 -24.60
C LEU A 133 -21.66 -3.39 -24.06
N VAL A 134 -21.59 -4.50 -24.78
CA VAL A 134 -20.71 -5.61 -24.38
C VAL A 134 -19.25 -5.14 -24.27
N PHE A 135 -18.77 -4.42 -25.28
CA PHE A 135 -17.40 -3.91 -25.26
C PHE A 135 -17.16 -2.95 -24.09
N GLY A 136 -18.14 -2.09 -23.84
CA GLY A 136 -18.01 -1.07 -22.82
C GLY A 136 -17.95 -1.67 -21.43
N ALA A 137 -18.82 -2.65 -21.17
CA ALA A 137 -18.81 -3.34 -19.87
C ALA A 137 -17.44 -4.00 -19.61
N LYS A 138 -16.93 -4.74 -20.60
CA LYS A 138 -15.63 -5.39 -20.45
C LYS A 138 -14.53 -4.36 -20.24
N GLN A 139 -14.63 -3.25 -20.95
CA GLN A 139 -13.59 -2.22 -20.88
C GLN A 139 -13.62 -1.56 -19.49
N ALA A 140 -14.81 -1.38 -18.96
CA ALA A 140 -14.95 -0.82 -17.62
C ALA A 140 -14.25 -1.71 -16.58
N TRP A 141 -14.37 -3.02 -16.74
CA TRP A 141 -13.71 -3.96 -15.84
C TRP A 141 -12.20 -3.88 -16.06
N ARG A 142 -11.78 -3.91 -17.32
CA ARG A 142 -10.36 -3.85 -17.68
C ARG A 142 -9.74 -2.56 -17.14
N ASN A 143 -10.56 -1.52 -17.07
CA ASN A 143 -10.07 -0.22 -16.64
C ASN A 143 -10.05 -0.01 -15.12
N ALA A 144 -10.56 -0.95 -14.34
CA ALA A 144 -10.73 -0.76 -12.89
C ALA A 144 -9.42 -0.92 -12.10
N PRO A 145 -8.81 0.20 -11.64
CA PRO A 145 -7.47 0.15 -11.03
C PRO A 145 -7.38 -0.68 -9.74
N ARG A 146 -8.50 -0.91 -9.06
CA ARG A 146 -8.48 -1.57 -7.76
C ARG A 146 -8.76 -3.06 -7.83
N CYS A 147 -8.94 -3.59 -9.04
CA CYS A 147 -9.30 -5.00 -9.17
C CYS A 147 -8.10 -5.88 -9.54
N VAL A 148 -7.75 -6.80 -8.66
CA VAL A 148 -6.62 -7.71 -8.92
C VAL A 148 -7.04 -8.83 -9.87
N GLY A 149 -8.33 -8.94 -10.17
CA GLY A 149 -8.81 -10.09 -10.94
C GLY A 149 -8.92 -9.87 -12.44
N ARG A 150 -8.25 -8.84 -12.96
CA ARG A 150 -8.48 -8.40 -14.34
C ARG A 150 -7.89 -9.29 -15.43
N ILE A 151 -7.11 -10.32 -15.06
CA ILE A 151 -6.63 -11.25 -16.07
C ILE A 151 -7.83 -11.85 -16.83
N GLN A 152 -8.98 -11.90 -16.15
CA GLN A 152 -10.20 -12.53 -16.67
C GLN A 152 -11.09 -11.58 -17.50
N TRP A 153 -10.64 -10.33 -17.67
CA TRP A 153 -11.53 -9.27 -18.18
C TRP A 153 -12.24 -9.56 -19.51
N GLY A 154 -11.62 -10.36 -20.37
CA GLY A 154 -12.18 -10.70 -21.67
C GLY A 154 -13.35 -11.67 -21.55
N LYS A 155 -13.38 -12.43 -20.45
CA LYS A 155 -14.42 -13.44 -20.23
C LYS A 155 -15.44 -12.92 -19.23
N LEU A 156 -16.45 -12.22 -19.74
CA LEU A 156 -17.47 -11.64 -18.89
C LEU A 156 -18.74 -11.80 -19.67
N GLN A 157 -19.72 -12.44 -19.05
CA GLN A 157 -20.99 -12.64 -19.71
C GLN A 157 -21.81 -11.38 -19.46
N VAL A 158 -22.20 -10.69 -20.53
CA VAL A 158 -22.94 -9.44 -20.38
C VAL A 158 -24.42 -9.67 -20.63
N PHE A 159 -25.24 -9.54 -19.59
CA PHE A 159 -26.68 -9.66 -19.78
C PHE A 159 -27.32 -8.29 -20.01
N ASP A 160 -27.91 -8.13 -21.19
CA ASP A 160 -28.55 -6.87 -21.57
C ASP A 160 -29.96 -6.84 -20.98
N ALA A 161 -30.17 -5.99 -19.97
CA ALA A 161 -31.47 -5.89 -19.34
C ALA A 161 -32.06 -4.50 -19.55
N ARG A 162 -31.65 -3.84 -20.63
CA ARG A 162 -32.12 -2.48 -20.93
C ARG A 162 -33.60 -2.40 -21.32
N ASP A 163 -34.29 -3.54 -21.35
CA ASP A 163 -35.73 -3.54 -21.61
C ASP A 163 -36.54 -3.59 -20.32
N CYS A 164 -35.84 -3.78 -19.20
CA CYS A 164 -36.51 -3.88 -17.89
C CYS A 164 -37.34 -2.64 -17.59
N SER A 165 -38.57 -2.83 -17.12
CA SER A 165 -39.44 -1.69 -16.83
C SER A 165 -40.19 -1.77 -15.49
N SER A 166 -39.78 -2.66 -14.59
CA SER A 166 -40.41 -2.75 -13.28
C SER A 166 -39.46 -3.37 -12.27
N ALA A 167 -39.70 -3.11 -10.98
CA ALA A 167 -38.87 -3.69 -9.93
C ALA A 167 -39.03 -5.21 -9.90
N GLN A 168 -40.25 -5.68 -10.14
CA GLN A 168 -40.51 -7.11 -10.26
C GLN A 168 -39.60 -7.72 -11.32
N GLU A 169 -39.57 -7.10 -12.50
CA GLU A 169 -38.72 -7.59 -13.59
C GLU A 169 -37.22 -7.50 -13.24
N MET A 170 -36.82 -6.46 -12.50
CA MET A 170 -35.42 -6.41 -12.05
C MET A 170 -35.08 -7.64 -11.22
N PHE A 171 -36.05 -8.06 -10.40
CA PHE A 171 -35.83 -9.21 -9.54
C PHE A 171 -35.60 -10.48 -10.35
N THR A 172 -36.46 -10.70 -11.34
CA THR A 172 -36.29 -11.80 -12.28
C THR A 172 -34.92 -11.78 -12.93
N TYR A 173 -34.51 -10.61 -13.43
CA TYR A 173 -33.19 -10.47 -14.04
C TYR A 173 -32.08 -10.80 -13.04
N ILE A 174 -32.24 -10.37 -11.79
CA ILE A 174 -31.22 -10.58 -10.75
C ILE A 174 -31.12 -12.08 -10.39
N CYS A 175 -32.28 -12.73 -10.19
CA CYS A 175 -32.29 -14.18 -9.93
C CYS A 175 -31.60 -14.97 -11.04
N ASN A 176 -31.93 -14.65 -12.29
CA ASN A 176 -31.27 -15.27 -13.42
C ASN A 176 -29.77 -15.04 -13.43
N HIS A 177 -29.38 -13.82 -13.08
CA HIS A 177 -27.95 -13.49 -12.99
C HIS A 177 -27.29 -14.42 -11.98
N ILE A 178 -27.87 -14.48 -10.77
CA ILE A 178 -27.32 -15.28 -9.69
C ILE A 178 -27.18 -16.74 -10.10
N LYS A 179 -28.24 -17.31 -10.68
CA LYS A 179 -28.23 -18.70 -11.09
C LYS A 179 -27.14 -18.97 -12.12
N TYR A 180 -27.06 -18.08 -13.13
CA TYR A 180 -26.03 -18.22 -14.15
C TYR A 180 -24.64 -18.07 -13.54
N ALA A 181 -24.46 -17.06 -12.69
CA ALA A 181 -23.11 -16.75 -12.21
C ALA A 181 -22.64 -17.80 -11.22
N THR A 182 -23.57 -18.35 -10.43
CA THR A 182 -23.23 -19.32 -9.40
C THR A 182 -22.92 -20.69 -10.00
N ASN A 183 -23.78 -21.13 -10.93
CA ASN A 183 -23.51 -22.33 -11.71
C ASN A 183 -23.15 -23.52 -10.82
N ARG A 184 -23.86 -23.64 -9.69
CA ARG A 184 -23.60 -24.68 -8.71
C ARG A 184 -22.15 -24.73 -8.21
N GLY A 185 -21.49 -23.59 -8.11
CA GLY A 185 -20.13 -23.58 -7.57
C GLY A 185 -19.04 -23.35 -8.60
N ASN A 186 -19.31 -23.67 -9.86
CA ASN A 186 -18.36 -23.37 -10.93
C ASN A 186 -18.63 -21.95 -11.46
N LEU A 187 -18.17 -20.96 -10.70
CA LEU A 187 -18.63 -19.58 -10.89
C LEU A 187 -18.25 -18.95 -12.24
N ARG A 188 -19.13 -18.09 -12.76
CA ARG A 188 -18.90 -17.39 -14.02
C ARG A 188 -19.12 -15.88 -13.85
N SER A 189 -18.11 -15.09 -14.24
CA SER A 189 -18.21 -13.63 -14.19
C SER A 189 -19.38 -13.14 -15.04
N ALA A 190 -20.18 -12.23 -14.48
CA ALA A 190 -21.28 -11.71 -15.26
C ALA A 190 -21.66 -10.34 -14.78
N ILE A 191 -22.31 -9.61 -15.68
CA ILE A 191 -22.89 -8.33 -15.31
C ILE A 191 -24.26 -8.26 -15.94
N THR A 192 -25.22 -7.68 -15.24
CA THR A 192 -26.54 -7.44 -15.83
C THR A 192 -26.75 -5.94 -15.92
N VAL A 193 -27.10 -5.44 -17.11
CA VAL A 193 -27.20 -3.99 -17.31
C VAL A 193 -28.65 -3.52 -17.48
N PHE A 194 -29.10 -2.67 -16.55
CA PHE A 194 -30.47 -2.15 -16.55
C PHE A 194 -30.51 -0.80 -17.26
N PRO A 195 -31.71 -0.25 -17.54
CA PRO A 195 -31.73 0.95 -18.40
C PRO A 195 -30.90 2.13 -17.85
N GLN A 196 -30.31 2.89 -18.77
CA GLN A 196 -29.46 4.01 -18.40
C GLN A 196 -30.26 5.14 -17.77
N ARG A 197 -29.55 6.02 -17.06
CA ARG A 197 -30.12 7.30 -16.63
C ARG A 197 -30.77 8.03 -17.81
N ALA A 198 -31.95 8.58 -17.59
CA ALA A 198 -32.67 9.34 -18.61
C ALA A 198 -33.10 10.68 -18.06
N PRO A 199 -32.95 11.76 -18.86
CA PRO A 199 -33.26 13.12 -18.40
C PRO A 199 -34.72 13.25 -17.94
N GLY A 200 -34.93 13.81 -16.75
CA GLY A 200 -36.27 13.94 -16.20
C GLY A 200 -36.99 12.61 -16.07
N ARG A 201 -36.34 11.69 -15.36
CA ARG A 201 -36.90 10.37 -15.09
C ARG A 201 -36.04 9.75 -13.99
N GLY A 202 -36.66 9.04 -13.07
CA GLY A 202 -35.93 8.48 -11.93
C GLY A 202 -34.98 7.37 -12.34
N ASP A 203 -33.98 7.12 -11.51
CA ASP A 203 -33.03 6.04 -11.79
C ASP A 203 -33.57 4.66 -11.42
N PHE A 204 -33.16 3.65 -12.19
CA PHE A 204 -33.19 2.29 -11.68
C PHE A 204 -32.08 2.22 -10.65
N ARG A 205 -32.37 1.73 -9.45
CA ARG A 205 -31.31 1.51 -8.48
C ARG A 205 -31.52 0.18 -7.76
N ILE A 206 -30.41 -0.51 -7.48
CA ILE A 206 -30.44 -1.55 -6.46
C ILE A 206 -29.93 -0.89 -5.17
N TRP A 207 -30.73 -0.93 -4.11
CA TRP A 207 -30.32 -0.25 -2.88
C TRP A 207 -29.19 -0.97 -2.12
N ASN A 208 -29.22 -2.30 -2.14
CA ASN A 208 -28.20 -3.13 -1.50
C ASN A 208 -26.83 -2.95 -2.13
N SER A 209 -25.78 -3.08 -1.33
CA SER A 209 -24.43 -2.89 -1.85
C SER A 209 -23.96 -4.12 -2.61
N GLN A 210 -24.44 -5.29 -2.20
CA GLN A 210 -24.18 -6.54 -2.94
C GLN A 210 -25.47 -7.33 -3.03
N LEU A 211 -25.59 -8.19 -4.04
CA LEU A 211 -26.83 -8.98 -4.19
C LEU A 211 -26.95 -9.93 -3.00
N VAL A 212 -25.81 -10.39 -2.48
CA VAL A 212 -25.82 -11.23 -1.27
C VAL A 212 -25.04 -10.57 -0.13
N ARG A 213 -25.73 -10.31 0.98
CA ARG A 213 -25.16 -9.63 2.15
C ARG A 213 -25.83 -10.18 3.41
N TYR A 214 -25.05 -10.32 4.48
CA TYR A 214 -25.64 -10.77 5.74
C TYR A 214 -26.16 -9.59 6.56
N ALA A 215 -27.28 -9.83 7.27
CA ALA A 215 -27.92 -8.82 8.09
C ALA A 215 -26.99 -8.36 9.22
N GLY A 216 -27.18 -7.12 9.65
CA GLY A 216 -26.45 -6.59 10.80
C GLY A 216 -27.48 -6.02 11.75
N TYR A 217 -27.68 -6.67 12.90
CA TYR A 217 -28.71 -6.26 13.86
C TYR A 217 -28.07 -5.53 15.03
N ARG A 218 -28.39 -4.24 15.17
CA ARG A 218 -27.91 -3.47 16.30
C ARG A 218 -28.60 -3.98 17.56
N GLN A 219 -27.82 -4.20 18.62
CA GLN A 219 -28.36 -4.77 19.84
C GLN A 219 -28.61 -3.68 20.89
N GLN A 220 -29.39 -4.01 21.90
CA GLN A 220 -29.73 -3.08 22.97
C GLN A 220 -28.49 -2.58 23.72
N ASP A 221 -27.46 -3.41 23.80
CA ASP A 221 -26.22 -3.04 24.47
C ASP A 221 -25.24 -2.25 23.59
N GLY A 222 -25.64 -1.93 22.36
CA GLY A 222 -24.79 -1.16 21.47
C GLY A 222 -24.00 -2.00 20.49
N SER A 223 -23.78 -3.28 20.83
CA SER A 223 -23.09 -4.21 19.93
C SER A 223 -23.94 -4.56 18.72
N VAL A 224 -23.33 -5.26 17.76
CA VAL A 224 -24.00 -5.66 16.53
C VAL A 224 -23.93 -7.16 16.31
N ARG A 225 -25.09 -7.78 16.04
CA ARG A 225 -25.12 -9.20 15.68
C ARG A 225 -25.20 -9.31 14.16
N GLY A 226 -24.30 -10.11 13.58
CA GLY A 226 -24.22 -10.23 12.13
C GLY A 226 -23.07 -9.36 11.61
N ASP A 227 -23.27 -8.75 10.45
CA ASP A 227 -22.21 -7.97 9.79
C ASP A 227 -22.41 -6.48 10.07
N PRO A 228 -21.52 -5.86 10.87
CA PRO A 228 -21.71 -4.44 11.20
C PRO A 228 -21.69 -3.53 9.98
N ALA A 229 -21.08 -3.98 8.89
CA ALA A 229 -21.07 -3.20 7.66
C ALA A 229 -22.46 -2.95 7.12
N ASN A 230 -23.43 -3.75 7.54
CA ASN A 230 -24.73 -3.79 6.88
C ASN A 230 -25.86 -3.32 7.76
N VAL A 231 -25.52 -2.56 8.79
CA VAL A 231 -26.53 -2.08 9.73
C VAL A 231 -27.59 -1.21 9.08
N GLU A 232 -27.15 -0.25 8.26
CA GLU A 232 -28.08 0.70 7.66
C GLU A 232 -29.06 0.01 6.72
N ILE A 233 -28.52 -0.81 5.81
CA ILE A 233 -29.37 -1.51 4.84
C ILE A 233 -30.32 -2.46 5.55
N THR A 234 -29.85 -3.07 6.64
CA THR A 234 -30.69 -3.96 7.41
C THR A 234 -31.87 -3.18 7.95
N GLU A 235 -31.58 -2.04 8.58
CA GLU A 235 -32.64 -1.19 9.14
C GLU A 235 -33.58 -0.65 8.05
N LEU A 236 -33.04 -0.36 6.88
CA LEU A 236 -33.86 0.10 5.75
C LEU A 236 -34.81 -1.01 5.30
N CYS A 237 -34.32 -2.25 5.24
CA CYS A 237 -35.17 -3.38 4.88
C CYS A 237 -36.31 -3.55 5.85
N ILE A 238 -36.02 -3.36 7.14
CA ILE A 238 -37.05 -3.45 8.17
C ILE A 238 -38.04 -2.31 8.05
N GLN A 239 -37.56 -1.09 7.79
CA GLN A 239 -38.44 0.06 7.64
C GLN A 239 -39.38 -0.14 6.46
N HIS A 240 -38.96 -0.98 5.51
CA HIS A 240 -39.75 -1.22 4.32
C HIS A 240 -40.55 -2.52 4.38
N GLY A 241 -40.68 -3.09 5.58
CA GLY A 241 -41.59 -4.21 5.77
C GLY A 241 -41.01 -5.60 5.95
N TRP A 242 -39.68 -5.74 5.89
CA TRP A 242 -39.04 -7.03 6.07
C TRP A 242 -39.16 -7.49 7.51
N THR A 243 -39.51 -8.76 7.70
CA THR A 243 -39.47 -9.34 9.04
C THR A 243 -38.05 -9.81 9.32
N PRO A 244 -37.34 -9.11 10.20
CA PRO A 244 -35.91 -9.39 10.40
C PRO A 244 -35.71 -10.71 11.13
N GLY A 245 -34.57 -11.37 10.93
CA GLY A 245 -34.23 -12.56 11.68
C GLY A 245 -33.42 -12.16 12.91
N ASN A 246 -32.60 -13.06 13.42
CA ASN A 246 -31.66 -12.69 14.48
C ASN A 246 -30.43 -13.59 14.55
N GLY A 247 -29.96 -14.01 13.38
CA GLY A 247 -28.75 -14.82 13.32
C GLY A 247 -27.53 -13.99 12.96
N ARG A 248 -26.36 -14.63 12.93
CA ARG A 248 -25.12 -13.95 12.53
C ARG A 248 -25.01 -13.94 11.02
N PHE A 249 -25.80 -14.77 10.35
CA PHE A 249 -25.65 -14.95 8.90
C PHE A 249 -27.00 -14.99 8.17
N ASP A 250 -27.92 -14.08 8.52
CA ASP A 250 -29.18 -13.95 7.82
C ASP A 250 -28.97 -13.21 6.48
N VAL A 251 -29.29 -13.89 5.37
CA VAL A 251 -29.22 -13.27 4.05
C VAL A 251 -30.27 -12.16 3.94
N LEU A 252 -29.86 -10.98 3.50
CA LEU A 252 -30.79 -9.85 3.41
C LEU A 252 -31.69 -9.97 2.18
N PRO A 253 -32.90 -9.43 2.27
CA PRO A 253 -33.75 -9.31 1.08
C PRO A 253 -33.20 -8.20 0.19
N LEU A 254 -33.73 -8.08 -1.02
CA LEU A 254 -33.25 -7.07 -1.94
C LEU A 254 -34.23 -5.91 -1.93
N LEU A 255 -33.70 -4.70 -2.01
CA LEU A 255 -34.53 -3.51 -2.08
C LEU A 255 -34.31 -2.93 -3.46
N LEU A 256 -35.34 -2.99 -4.31
CA LEU A 256 -35.15 -2.67 -5.72
C LEU A 256 -36.04 -1.52 -6.15
N GLN A 257 -35.47 -0.61 -6.96
CA GLN A 257 -36.16 0.62 -7.29
C GLN A 257 -36.22 0.89 -8.78
N ALA A 258 -37.44 0.92 -9.30
CA ALA A 258 -37.72 1.31 -10.67
C ALA A 258 -37.97 2.81 -10.64
N PRO A 259 -37.80 3.50 -11.79
CA PRO A 259 -37.87 4.96 -11.87
C PRO A 259 -39.09 5.60 -11.23
N ASP A 260 -38.86 6.58 -10.36
CA ASP A 260 -39.92 7.35 -9.73
C ASP A 260 -40.92 6.45 -8.98
N GLU A 261 -40.40 5.37 -8.39
CA GLU A 261 -41.21 4.49 -7.56
C GLU A 261 -40.50 4.21 -6.26
N ALA A 262 -41.27 3.98 -5.20
CA ALA A 262 -40.68 3.55 -3.94
C ALA A 262 -40.03 2.20 -4.19
N PRO A 263 -38.90 1.93 -3.53
CA PRO A 263 -38.24 0.63 -3.72
C PRO A 263 -39.16 -0.50 -3.21
N GLU A 264 -39.14 -1.66 -3.85
CA GLU A 264 -39.91 -2.81 -3.37
C GLU A 264 -38.99 -3.89 -2.83
N LEU A 265 -39.53 -4.69 -1.93
CA LEU A 265 -38.75 -5.69 -1.21
C LEU A 265 -38.86 -7.05 -1.90
N PHE A 266 -37.74 -7.74 -2.02
CA PHE A 266 -37.73 -9.08 -2.61
C PHE A 266 -36.81 -10.01 -1.83
N VAL A 267 -37.38 -11.10 -1.33
CA VAL A 267 -36.62 -12.15 -0.66
C VAL A 267 -36.02 -13.12 -1.69
N LEU A 268 -34.71 -13.32 -1.61
CA LEU A 268 -34.06 -14.32 -2.46
C LEU A 268 -34.43 -15.73 -2.00
N PRO A 269 -34.94 -16.56 -2.92
CA PRO A 269 -35.19 -17.97 -2.57
C PRO A 269 -33.88 -18.61 -2.17
N PRO A 270 -33.82 -19.18 -0.96
CA PRO A 270 -32.56 -19.67 -0.37
C PRO A 270 -31.80 -20.66 -1.27
N GLU A 271 -32.52 -21.48 -2.04
CA GLU A 271 -31.86 -22.43 -2.92
C GLU A 271 -30.96 -21.74 -3.96
N LEU A 272 -31.16 -20.45 -4.16
CA LEU A 272 -30.37 -19.70 -5.14
C LEU A 272 -29.09 -19.14 -4.54
N VAL A 273 -29.06 -18.99 -3.22
CA VAL A 273 -27.90 -18.40 -2.57
C VAL A 273 -26.99 -19.51 -2.05
N LEU A 274 -25.91 -19.78 -2.77
CA LEU A 274 -24.99 -20.84 -2.39
C LEU A 274 -24.08 -20.34 -1.26
N GLU A 275 -23.98 -21.11 -0.18
CA GLU A 275 -23.07 -20.75 0.90
C GLU A 275 -22.13 -21.90 1.20
N VAL A 276 -21.05 -21.59 1.91
CA VAL A 276 -20.01 -22.56 2.23
C VAL A 276 -19.73 -22.51 3.72
N PRO A 277 -20.08 -23.58 4.45
CA PRO A 277 -19.72 -23.64 5.87
C PRO A 277 -18.21 -23.73 6.01
N LEU A 278 -17.65 -23.00 6.98
CA LEU A 278 -16.20 -22.98 7.14
C LEU A 278 -15.71 -24.04 8.10
N GLU A 279 -14.74 -24.82 7.64
CA GLU A 279 -14.02 -25.76 8.51
C GLU A 279 -12.53 -25.61 8.22
N HIS A 280 -11.70 -26.19 9.08
CA HIS A 280 -10.24 -26.07 8.94
C HIS A 280 -9.65 -27.46 8.69
N PRO A 281 -8.63 -27.56 7.82
CA PRO A 281 -8.14 -28.90 7.43
C PRO A 281 -7.57 -29.74 8.58
N THR A 282 -7.00 -29.10 9.60
CA THR A 282 -6.40 -29.85 10.71
C THR A 282 -6.94 -29.47 12.09
N LEU A 283 -7.35 -28.21 12.26
CA LEU A 283 -7.96 -27.78 13.52
C LEU A 283 -9.45 -28.20 13.53
N GLU A 284 -9.75 -29.34 14.14
CA GLU A 284 -11.09 -29.94 14.04
C GLU A 284 -12.18 -29.10 14.72
N TRP A 285 -11.78 -28.22 15.63
CA TRP A 285 -12.75 -27.40 16.35
C TRP A 285 -13.27 -26.22 15.53
N PHE A 286 -12.56 -25.86 14.47
CA PHE A 286 -12.91 -24.65 13.72
C PHE A 286 -14.33 -24.76 13.18
N ALA A 287 -14.70 -25.95 12.74
CA ALA A 287 -16.05 -26.16 12.22
C ALA A 287 -17.12 -25.85 13.28
N ALA A 288 -16.79 -26.05 14.55
CA ALA A 288 -17.75 -25.80 15.63
C ALA A 288 -18.08 -24.31 15.81
N LEU A 289 -17.23 -23.43 15.26
CA LEU A 289 -17.47 -21.99 15.32
C LEU A 289 -18.70 -21.57 14.52
N GLY A 290 -19.14 -22.43 13.61
CA GLY A 290 -20.34 -22.15 12.84
C GLY A 290 -20.19 -20.98 11.88
N LEU A 291 -18.97 -20.70 11.46
CA LEU A 291 -18.79 -19.64 10.46
C LEU A 291 -19.18 -20.13 9.05
N ARG A 292 -19.48 -19.19 8.17
CA ARG A 292 -19.79 -19.52 6.78
C ARG A 292 -19.69 -18.26 5.96
N TRP A 293 -19.62 -18.40 4.64
CA TRP A 293 -19.70 -17.25 3.76
C TRP A 293 -20.43 -17.63 2.48
N TYR A 294 -20.90 -16.64 1.74
CA TYR A 294 -21.58 -16.92 0.49
C TYR A 294 -20.60 -17.02 -0.68
N ALA A 295 -21.01 -17.78 -1.70
CA ALA A 295 -20.12 -18.06 -2.83
C ALA A 295 -19.91 -16.85 -3.74
N LEU A 296 -20.95 -16.04 -3.90
CA LEU A 296 -20.99 -15.06 -4.98
C LEU A 296 -20.79 -13.63 -4.51
N PRO A 297 -19.64 -13.02 -4.88
CA PRO A 297 -19.47 -11.59 -4.63
C PRO A 297 -20.05 -10.84 -5.82
N ALA A 298 -21.14 -10.15 -5.58
CA ALA A 298 -21.88 -9.50 -6.64
C ALA A 298 -22.19 -8.08 -6.18
N VAL A 299 -21.39 -7.12 -6.65
CA VAL A 299 -21.54 -5.73 -6.23
C VAL A 299 -22.63 -5.02 -7.03
N SER A 300 -23.50 -4.28 -6.34
CA SER A 300 -24.75 -3.85 -6.95
C SER A 300 -25.03 -2.36 -6.79
N ASN A 301 -24.11 -1.64 -6.16
CA ASN A 301 -24.36 -0.23 -5.91
C ASN A 301 -23.46 0.71 -6.70
N MET A 302 -22.66 0.15 -7.60
CA MET A 302 -21.77 0.99 -8.41
C MET A 302 -22.38 1.42 -9.73
N LEU A 303 -21.85 2.50 -10.29
CA LEU A 303 -22.37 3.04 -11.52
C LEU A 303 -21.45 2.70 -12.68
N LEU A 304 -22.02 2.13 -13.74
CA LEU A 304 -21.28 1.83 -14.97
C LEU A 304 -21.40 3.01 -15.93
N GLU A 305 -20.27 3.63 -16.27
CA GLU A 305 -20.29 4.76 -17.19
C GLU A 305 -19.64 4.37 -18.52
N ILE A 306 -20.35 4.61 -19.62
CA ILE A 306 -19.82 4.27 -20.95
C ILE A 306 -20.23 5.37 -21.93
N GLY A 307 -19.24 6.04 -22.51
CA GLY A 307 -19.52 7.05 -23.52
C GLY A 307 -20.43 8.16 -23.01
N GLY A 308 -20.35 8.41 -21.70
CA GLY A 308 -21.12 9.47 -21.07
C GLY A 308 -22.49 9.00 -20.65
N LEU A 309 -22.87 7.79 -21.04
CA LEU A 309 -24.10 7.19 -20.58
C LEU A 309 -23.88 6.60 -19.18
N GLU A 310 -24.90 6.70 -18.34
CA GLU A 310 -24.76 6.26 -16.95
C GLU A 310 -25.73 5.15 -16.63
N PHE A 311 -25.19 3.99 -16.28
CA PHE A 311 -26.04 2.87 -15.89
C PHE A 311 -26.00 2.74 -14.37
N SER A 312 -27.02 3.32 -13.72
CA SER A 312 -27.09 3.41 -12.27
C SER A 312 -27.36 2.06 -11.60
N ALA A 313 -27.96 1.13 -12.34
CA ALA A 313 -28.12 -0.25 -11.85
C ALA A 313 -27.52 -1.22 -12.86
N ALA A 314 -26.38 -1.80 -12.49
CA ALA A 314 -25.65 -2.73 -13.34
C ALA A 314 -24.78 -3.63 -12.49
N PRO A 315 -25.40 -4.58 -11.78
CA PRO A 315 -24.66 -5.41 -10.83
C PRO A 315 -23.71 -6.36 -11.55
N PHE A 316 -22.53 -6.54 -10.99
CA PHE A 316 -21.53 -7.42 -11.61
C PHE A 316 -20.93 -8.38 -10.59
N SER A 317 -20.54 -9.57 -11.06
CA SER A 317 -20.09 -10.60 -10.14
C SER A 317 -18.92 -11.38 -10.72
N GLY A 318 -18.07 -11.91 -9.83
CA GLY A 318 -16.97 -12.77 -10.23
C GLY A 318 -16.88 -13.95 -9.27
N TRP A 319 -15.68 -14.22 -8.76
CA TRP A 319 -15.50 -15.16 -7.65
C TRP A 319 -14.53 -14.54 -6.65
N TYR A 320 -14.52 -15.07 -5.42
CA TYR A 320 -13.75 -14.41 -4.35
C TYR A 320 -12.26 -14.69 -4.44
N MET A 321 -11.46 -13.71 -3.98
CA MET A 321 -10.09 -14.00 -3.59
C MET A 321 -10.18 -14.24 -2.09
N SER A 322 -9.54 -15.30 -1.60
CA SER A 322 -9.80 -15.79 -0.26
C SER A 322 -9.56 -14.76 0.88
N THR A 323 -8.66 -13.81 0.67
CA THR A 323 -8.38 -12.81 1.71
C THR A 323 -9.55 -11.86 1.92
N GLU A 324 -10.39 -11.67 0.90
CA GLU A 324 -11.56 -10.81 1.10
C GLU A 324 -12.44 -11.36 2.23
N ILE A 325 -12.63 -12.68 2.22
CA ILE A 325 -13.42 -13.33 3.25
C ILE A 325 -12.60 -13.52 4.52
N GLY A 326 -11.46 -14.21 4.39
CA GLY A 326 -10.71 -14.66 5.56
C GLY A 326 -10.05 -13.56 6.36
N THR A 327 -9.61 -12.52 5.66
CA THR A 327 -8.95 -11.41 6.35
C THR A 327 -9.90 -10.25 6.59
N ARG A 328 -10.42 -9.65 5.52
CA ARG A 328 -11.26 -8.46 5.69
C ARG A 328 -12.61 -8.74 6.35
N ASN A 329 -13.48 -9.55 5.70
CA ASN A 329 -14.84 -9.73 6.22
C ASN A 329 -14.87 -10.37 7.59
N LEU A 330 -13.94 -11.29 7.83
CA LEU A 330 -13.96 -12.05 9.06
C LEU A 330 -13.07 -11.43 10.14
N CYS A 331 -11.95 -10.80 9.77
CA CYS A 331 -11.05 -10.28 10.81
C CYS A 331 -11.02 -8.76 11.04
N ASP A 332 -11.58 -7.96 10.12
CA ASP A 332 -11.63 -6.50 10.38
C ASP A 332 -12.31 -6.21 11.71
N PRO A 333 -11.76 -5.26 12.48
CA PRO A 333 -12.28 -4.96 13.81
C PRO A 333 -13.73 -4.51 13.73
N HIS A 334 -14.04 -3.80 12.65
CA HIS A 334 -15.37 -3.25 12.42
C HIS A 334 -16.23 -4.17 11.53
N ARG A 335 -15.77 -5.40 11.34
CA ARG A 335 -16.59 -6.41 10.65
C ARG A 335 -16.91 -7.54 11.64
N TYR A 336 -16.83 -8.80 11.22
CA TYR A 336 -17.13 -9.90 12.16
C TYR A 336 -16.13 -10.01 13.29
N ASN A 337 -14.89 -9.56 13.06
CA ASN A 337 -13.93 -9.39 14.14
C ASN A 337 -13.66 -10.66 14.97
N ILE A 338 -13.37 -11.77 14.27
CA ILE A 338 -13.28 -13.08 14.95
C ILE A 338 -11.87 -13.45 15.40
N LEU A 339 -10.92 -12.54 15.19
CA LEU A 339 -9.49 -12.83 15.43
C LEU A 339 -9.20 -13.37 16.83
N GLU A 340 -9.69 -12.67 17.84
CA GLU A 340 -9.41 -13.07 19.22
C GLU A 340 -10.09 -14.41 19.57
N ASP A 341 -11.33 -14.60 19.13
CA ASP A 341 -12.02 -15.86 19.37
C ASP A 341 -11.20 -17.02 18.82
N VAL A 342 -10.73 -16.88 17.58
CA VAL A 342 -9.94 -17.95 16.95
C VAL A 342 -8.62 -18.17 17.71
N ALA A 343 -7.96 -17.06 18.05
CA ALA A 343 -6.67 -17.13 18.71
C ALA A 343 -6.80 -17.81 20.08
N VAL A 344 -7.91 -17.54 20.78
CA VAL A 344 -8.17 -18.21 22.04
C VAL A 344 -8.37 -19.73 21.86
N CAS A 345 -9.13 -20.14 20.85
CA CAS A 345 -9.29 -21.56 20.56
CB CAS A 345 -10.21 -21.75 19.35
C CAS A 345 -7.93 -22.19 20.24
O CAS A 345 -7.66 -23.35 20.60
SG CAS A 345 -11.88 -21.12 19.61
AS CAS A 345 -12.83 -23.17 20.50
CE1 CAS A 345 -14.58 -23.57 19.61
CE2 CAS A 345 -12.63 -22.39 22.32
N MET A 346 -7.07 -21.42 19.56
CA MET A 346 -5.76 -21.92 19.20
C MET A 346 -4.84 -21.91 20.39
N ASP A 347 -5.32 -21.35 21.50
CA ASP A 347 -4.57 -21.26 22.74
C ASP A 347 -3.34 -20.33 22.63
N LEU A 348 -3.46 -19.25 21.86
CA LEU A 348 -2.36 -18.28 21.74
C LEU A 348 -2.38 -17.26 22.89
N ASP A 349 -1.25 -16.58 23.09
CA ASP A 349 -1.14 -15.55 24.12
C ASP A 349 -1.65 -14.20 23.57
N THR A 350 -2.92 -13.88 23.80
CA THR A 350 -3.53 -12.67 23.24
C THR A 350 -3.28 -11.41 24.09
N ARG A 351 -2.49 -11.56 25.15
CA ARG A 351 -2.23 -10.45 26.07
C ARG A 351 -1.01 -9.64 25.64
N THR A 352 -0.30 -10.12 24.64
CA THR A 352 0.86 -9.39 24.14
C THR A 352 0.93 -9.44 22.63
N THR A 353 1.29 -8.32 22.02
CA THR A 353 1.40 -8.26 20.57
C THR A 353 2.51 -9.17 20.05
N SER A 354 3.57 -9.32 20.84
CA SER A 354 4.77 -9.99 20.31
C SER A 354 4.64 -11.52 20.16
N SER A 355 3.54 -12.12 20.63
CA SER A 355 3.29 -13.52 20.35
C SER A 355 2.88 -13.72 18.87
N LEU A 356 2.57 -12.61 18.19
CA LEU A 356 2.01 -12.67 16.83
C LEU A 356 0.75 -13.53 16.76
N TRP A 357 -0.03 -13.50 17.83
CA TRP A 357 -1.29 -14.22 17.86
C TRP A 357 -2.21 -13.76 16.74
N LYS A 358 -2.19 -12.47 16.43
CA LYS A 358 -3.08 -11.97 15.39
C LYS A 358 -2.70 -12.52 14.02
N ASP A 359 -1.40 -12.57 13.73
CA ASP A 359 -0.93 -13.07 12.44
C ASP A 359 -1.20 -14.56 12.32
N LYS A 360 -0.95 -15.29 13.39
CA LYS A 360 -1.18 -16.73 13.38
C LYS A 360 -2.63 -17.07 13.15
N ALA A 361 -3.53 -16.45 13.92
CA ALA A 361 -4.96 -16.71 13.78
C ALA A 361 -5.43 -16.37 12.38
N ALA A 362 -5.01 -15.20 11.89
CA ALA A 362 -5.46 -14.73 10.59
C ALA A 362 -5.07 -15.70 9.47
N VAL A 363 -3.87 -16.27 9.58
CA VAL A 363 -3.43 -17.21 8.54
C VAL A 363 -4.31 -18.46 8.53
N GLU A 364 -4.62 -18.98 9.72
CA GLU A 364 -5.44 -20.19 9.81
C GLU A 364 -6.87 -19.96 9.34
N ILE A 365 -7.38 -18.75 9.58
CA ILE A 365 -8.72 -18.39 9.10
C ILE A 365 -8.74 -18.37 7.57
N ASN A 366 -7.74 -17.75 6.97
CA ASN A 366 -7.60 -17.77 5.51
C ASN A 366 -7.48 -19.18 4.96
N LEU A 367 -6.70 -20.02 5.64
CA LEU A 367 -6.58 -21.41 5.21
C LEU A 367 -7.94 -22.09 5.27
N ALA A 368 -8.71 -21.82 6.32
CA ALA A 368 -10.01 -22.47 6.47
C ALA A 368 -10.93 -22.06 5.32
N VAL A 369 -10.88 -20.78 4.95
CA VAL A 369 -11.70 -20.29 3.84
C VAL A 369 -11.36 -21.06 2.56
N LEU A 370 -10.07 -21.14 2.25
CA LEU A 370 -9.60 -21.82 1.04
C LEU A 370 -9.98 -23.28 1.03
N HIS A 371 -9.66 -23.97 2.12
CA HIS A 371 -9.94 -25.39 2.23
C HIS A 371 -11.44 -25.70 2.13
N SER A 372 -12.26 -24.86 2.75
CA SER A 372 -13.72 -25.07 2.77
C SER A 372 -14.35 -24.87 1.38
N PHE A 373 -13.94 -23.81 0.69
CA PHE A 373 -14.43 -23.56 -0.67
C PHE A 373 -13.99 -24.66 -1.62
N GLN A 374 -12.74 -25.11 -1.46
CA GLN A 374 -12.19 -26.19 -2.29
C GLN A 374 -12.96 -27.48 -2.07
N LEU A 375 -13.23 -27.78 -0.79
CA LEU A 375 -13.97 -28.98 -0.43
C LEU A 375 -15.41 -28.91 -0.94
N ALA A 376 -15.97 -27.71 -0.96
CA ALA A 376 -17.34 -27.51 -1.43
C ALA A 376 -17.41 -27.42 -2.96
N LYS A 377 -16.25 -27.47 -3.62
CA LYS A 377 -16.14 -27.28 -5.08
C LYS A 377 -16.78 -25.96 -5.54
N VAL A 378 -16.46 -24.88 -4.84
CA VAL A 378 -16.92 -23.55 -5.21
C VAL A 378 -15.67 -22.76 -5.60
N THR A 379 -15.72 -22.07 -6.74
CA THR A 379 -14.56 -21.34 -7.24
C THR A 379 -14.03 -20.33 -6.23
N ILE A 380 -12.72 -20.37 -5.97
CA ILE A 380 -12.05 -19.37 -5.15
C ILE A 380 -10.58 -19.28 -5.57
N VAL A 381 -9.95 -18.14 -5.33
CA VAL A 381 -8.53 -18.01 -5.64
C VAL A 381 -7.78 -17.44 -4.42
N ASP A 382 -6.63 -18.02 -4.11
CA ASP A 382 -5.84 -17.49 -2.98
C ASP A 382 -5.07 -16.26 -3.43
N HIS A 383 -4.54 -15.51 -2.47
CA HIS A 383 -3.91 -14.23 -2.78
C HIS A 383 -2.61 -14.44 -3.54
N HIS A 384 -2.02 -15.62 -3.44
CA HIS A 384 -0.76 -15.85 -4.15
C HIS A 384 -1.08 -16.05 -5.63
N ALA A 385 -2.01 -16.95 -5.91
CA ALA A 385 -2.34 -17.28 -7.29
C ALA A 385 -2.93 -16.05 -7.99
N ALA A 386 -3.73 -15.29 -7.25
CA ALA A 386 -4.37 -14.10 -7.80
C ALA A 386 -3.34 -13.03 -8.20
N THR A 387 -2.42 -12.73 -7.30
CA THR A 387 -1.43 -11.68 -7.58
C THR A 387 -0.49 -12.09 -8.69
N VAL A 388 -0.13 -13.38 -8.74
CA VAL A 388 0.68 -13.90 -9.84
C VAL A 388 -0.05 -13.72 -11.17
N SER A 389 -1.34 -14.04 -11.19
CA SER A 389 -2.12 -13.86 -12.41
C SER A 389 -2.19 -12.36 -12.76
N PHE A 390 -2.21 -11.49 -11.75
CA PHE A 390 -2.24 -10.05 -12.03
C PHE A 390 -0.94 -9.57 -12.67
N MET A 391 0.19 -10.15 -12.28
CA MET A 391 1.46 -9.80 -12.91
C MET A 391 1.43 -10.19 -14.38
N LYS A 392 0.82 -11.32 -14.68
CA LYS A 392 0.65 -11.76 -16.06
C LYS A 392 -0.22 -10.73 -16.81
N HIS A 393 -1.28 -10.29 -16.15
CA HIS A 393 -2.15 -9.28 -16.72
C HIS A 393 -1.41 -7.98 -17.04
N LEU A 394 -0.52 -7.54 -16.15
CA LEU A 394 0.28 -6.33 -16.38
C LEU A 394 1.14 -6.47 -17.64
N ASP A 395 1.72 -7.64 -17.81
CA ASP A 395 2.56 -7.89 -18.98
C ASP A 395 1.71 -7.92 -20.27
N ASN A 396 0.55 -8.57 -20.19
CA ASN A 396 -0.39 -8.56 -21.31
C ASN A 396 -0.77 -7.14 -21.71
N GLU A 397 -1.15 -6.34 -20.72
CA GLU A 397 -1.64 -4.99 -20.98
C GLU A 397 -0.51 -4.06 -21.41
N GLN A 398 0.70 -4.34 -20.95
CA GLN A 398 1.84 -3.53 -21.36
C GLN A 398 1.96 -3.65 -22.88
N LYS A 399 1.82 -4.88 -23.38
CA LYS A 399 1.94 -5.07 -24.82
C LYS A 399 0.71 -4.58 -25.56
N ALA A 400 -0.47 -4.76 -24.96
CA ALA A 400 -1.71 -4.51 -25.70
C ALA A 400 -2.03 -3.02 -25.75
N ARG A 401 -1.65 -2.29 -24.70
CA ARG A 401 -2.11 -0.91 -24.54
C ARG A 401 -1.04 0.03 -24.02
N GLY A 402 0.15 -0.50 -23.75
CA GLY A 402 1.25 0.33 -23.25
C GLY A 402 1.09 0.74 -21.81
N GLY A 403 0.37 -0.05 -21.02
CA GLY A 403 0.27 0.23 -19.58
C GLY A 403 -0.98 -0.36 -18.97
N CYS A 404 -1.13 -0.20 -17.64
CA CYS A 404 -2.33 -0.66 -16.94
C CYS A 404 -2.52 0.14 -15.66
N PRO A 405 -3.65 0.86 -15.56
CA PRO A 405 -3.94 1.63 -14.33
C PRO A 405 -4.15 0.68 -13.14
N ALA A 406 -3.43 0.93 -12.06
CA ALA A 406 -3.47 0.01 -10.94
C ALA A 406 -3.26 0.79 -9.63
N ASP A 407 -4.10 0.48 -8.64
CA ASP A 407 -4.06 1.12 -7.34
C ASP A 407 -3.31 0.18 -6.38
N TRP A 408 -2.05 0.51 -6.10
CA TRP A 408 -1.15 -0.36 -5.36
C TRP A 408 -1.72 -0.80 -4.01
N ALA A 409 -2.26 0.17 -3.27
CA ALA A 409 -2.78 -0.09 -1.93
C ALA A 409 -3.95 -1.09 -1.92
N TRP A 410 -4.66 -1.17 -3.03
CA TRP A 410 -5.78 -2.09 -3.16
C TRP A 410 -5.38 -3.41 -3.79
N ILE A 411 -4.37 -3.37 -4.67
CA ILE A 411 -3.93 -4.56 -5.38
C ILE A 411 -3.15 -5.48 -4.44
N VAL A 412 -2.29 -4.90 -3.60
CA VAL A 412 -1.52 -5.68 -2.63
C VAL A 412 -2.44 -6.23 -1.55
N PRO A 413 -2.43 -7.56 -1.34
CA PRO A 413 -3.43 -8.18 -0.44
C PRO A 413 -3.22 -7.76 1.03
N PRO A 414 -4.25 -7.96 1.87
CA PRO A 414 -4.21 -7.43 3.24
C PRO A 414 -3.48 -8.32 4.25
N ILE A 415 -3.07 -9.53 3.88
CA ILE A 415 -2.08 -10.28 4.66
C ILE A 415 -0.94 -10.65 3.72
N SER A 416 0.26 -10.84 4.27
CA SER A 416 1.38 -11.40 3.51
C SER A 416 1.81 -10.55 2.32
N GLY A 417 1.62 -9.24 2.42
CA GLY A 417 1.88 -8.32 1.33
C GLY A 417 3.15 -8.54 0.51
N SER A 418 4.31 -8.46 1.16
CA SER A 418 5.55 -8.56 0.41
C SER A 418 5.90 -9.99 0.00
N LEU A 419 5.09 -10.97 0.41
CA LEU A 419 5.32 -12.33 -0.06
C LEU A 419 4.65 -12.53 -1.43
N THR A 420 3.91 -11.52 -1.90
CA THR A 420 3.28 -11.62 -3.22
C THR A 420 4.09 -10.75 -4.19
N PRO A 421 4.05 -11.08 -5.50
CA PRO A 421 4.91 -10.34 -6.44
C PRO A 421 4.48 -8.88 -6.64
N VAL A 422 3.20 -8.57 -6.43
CA VAL A 422 2.72 -7.21 -6.70
C VAL A 422 3.30 -6.15 -5.73
N PHE A 423 3.66 -6.55 -4.51
CA PHE A 423 4.24 -5.62 -3.53
C PHE A 423 5.46 -4.90 -4.12
N HIS A 424 6.24 -5.63 -4.93
CA HIS A 424 7.52 -5.15 -5.42
C HIS A 424 7.39 -4.51 -6.80
N GLN A 425 6.16 -4.41 -7.27
CA GLN A 425 5.87 -3.82 -8.57
C GLN A 425 5.33 -2.39 -8.39
N GLU A 426 6.05 -1.40 -8.91
CA GLU A 426 5.53 -0.02 -8.97
C GLU A 426 4.33 0.04 -9.90
N MET A 427 3.35 0.89 -9.57
CA MET A 427 2.12 0.98 -10.35
C MET A 427 1.75 2.43 -10.60
N VAL A 428 1.13 2.70 -11.74
CA VAL A 428 0.64 4.04 -12.09
C VAL A 428 -0.89 4.02 -12.03
N ASN A 429 -1.48 5.01 -11.34
CA ASN A 429 -2.93 4.99 -11.15
C ASN A 429 -3.58 6.20 -11.81
N TYR A 430 -4.60 5.94 -12.63
CA TYR A 430 -5.28 6.98 -13.39
C TYR A 430 -6.65 6.51 -13.77
N ILE A 431 -7.51 7.45 -14.13
CA ILE A 431 -8.89 7.13 -14.47
C ILE A 431 -9.08 7.02 -15.98
N LEU A 432 -9.48 5.84 -16.45
CA LEU A 432 -9.89 5.65 -17.84
C LEU A 432 -11.37 5.33 -17.88
N SER A 433 -12.01 5.65 -19.01
CA SER A 433 -13.42 5.38 -19.23
C SER A 433 -13.54 4.55 -20.51
N PRO A 434 -14.53 3.62 -20.57
CA PRO A 434 -15.56 3.22 -19.60
C PRO A 434 -15.05 2.91 -18.18
N ALA A 435 -15.86 3.25 -17.18
CA ALA A 435 -15.45 3.09 -15.78
C ALA A 435 -16.60 2.61 -14.90
N PHE A 436 -16.25 1.88 -13.85
CA PHE A 436 -17.18 1.70 -12.74
C PHE A 436 -16.90 2.82 -11.74
N ARG A 437 -17.95 3.49 -11.26
CA ARG A 437 -17.78 4.63 -10.34
C ARG A 437 -18.63 4.47 -9.11
N TYR A 438 -18.18 5.05 -8.00
CA TYR A 438 -19.00 5.15 -6.80
C TYR A 438 -20.15 6.10 -7.12
N GLN A 439 -21.29 5.90 -6.47
CA GLN A 439 -22.42 6.79 -6.65
C GLN A 439 -23.11 6.91 -5.31
N PRO A 440 -23.78 8.04 -5.06
CA PRO A 440 -24.41 8.24 -3.75
C PRO A 440 -25.57 7.26 -3.52
N ASP A 441 -25.80 6.88 -2.27
CA ASP A 441 -26.88 5.96 -1.93
C ASP A 441 -28.22 6.62 -2.23
N PRO A 442 -29.20 5.84 -2.73
CA PRO A 442 -30.46 6.41 -3.24
C PRO A 442 -31.30 7.14 -2.19
N TRP A 443 -31.09 6.80 -0.91
CA TRP A 443 -31.92 7.37 0.16
C TRP A 443 -31.36 8.67 0.73
N LYS B 30 -8.94 22.24 -1.79
CA LYS B 30 -8.13 22.89 -0.77
C LYS B 30 -7.51 21.85 0.16
N PHE B 31 -7.86 21.90 1.43
CA PHE B 31 -7.29 20.97 2.41
C PHE B 31 -7.97 19.60 2.40
N PRO B 32 -7.16 18.53 2.38
CA PRO B 32 -7.66 17.16 2.29
C PRO B 32 -8.32 16.70 3.59
N ARG B 33 -9.50 16.11 3.46
CA ARG B 33 -10.18 15.45 4.56
C ARG B 33 -9.63 14.04 4.69
N VAL B 34 -9.24 13.67 5.91
CA VAL B 34 -8.55 12.40 6.18
C VAL B 34 -9.35 11.51 7.12
N LYS B 35 -9.76 10.34 6.66
CA LYS B 35 -10.65 9.49 7.44
C LYS B 35 -9.99 8.20 7.94
N ASN B 36 -10.26 7.84 9.19
CA ASN B 36 -9.95 6.49 9.68
C ASN B 36 -11.18 5.59 9.57
N TRP B 37 -11.08 4.56 8.75
CA TRP B 37 -12.25 3.76 8.40
C TRP B 37 -12.61 2.71 9.46
N GLU B 38 -11.74 2.49 10.44
CA GLU B 38 -12.06 1.58 11.52
C GLU B 38 -12.86 2.33 12.61
N LEU B 39 -12.55 3.61 12.77
CA LEU B 39 -13.13 4.38 13.86
C LEU B 39 -14.16 5.40 13.39
N GLY B 40 -14.17 5.66 12.08
CA GLY B 40 -15.06 6.67 11.53
C GLY B 40 -14.62 8.09 11.83
N SER B 41 -13.44 8.27 12.40
CA SER B 41 -12.99 9.61 12.76
C SER B 41 -12.33 10.34 11.59
N ILE B 42 -12.47 11.67 11.58
CA ILE B 42 -12.03 12.48 10.46
C ILE B 42 -11.14 13.63 10.93
N THR B 43 -10.04 13.86 10.24
CA THR B 43 -9.24 15.06 10.45
C THR B 43 -9.06 15.80 9.12
N TYR B 44 -8.49 16.99 9.18
CA TYR B 44 -8.14 17.75 7.99
C TYR B 44 -6.67 18.10 8.09
N ASP B 45 -5.91 17.77 7.05
CA ASP B 45 -4.50 18.14 7.01
C ASP B 45 -4.32 19.57 6.50
N THR B 46 -3.82 20.44 7.36
CA THR B 46 -3.50 21.81 6.96
C THR B 46 -1.98 21.99 6.95
N LEU B 47 -1.27 21.00 7.44
CA LEU B 47 0.19 21.05 7.44
C LEU B 47 0.72 21.00 6.00
N CYS B 48 0.04 20.25 5.13
CA CYS B 48 0.50 20.07 3.75
C CYS B 48 0.70 21.41 3.01
N ALA B 49 -0.03 22.44 3.45
CA ALA B 49 0.14 23.78 2.87
C ALA B 49 1.57 24.32 3.02
N GLN B 50 2.35 23.72 3.91
CA GLN B 50 3.70 24.22 4.18
C GLN B 50 4.74 23.56 3.29
N SER B 51 4.29 22.70 2.39
CA SER B 51 5.22 22.05 1.45
C SER B 51 5.70 23.00 0.35
N GLN B 52 7.00 22.94 0.06
CA GLN B 52 7.61 23.82 -0.93
C GLN B 52 8.23 23.03 -2.08
N GLN B 53 8.18 21.70 -1.98
CA GLN B 53 8.72 20.81 -3.01
C GLN B 53 7.66 19.88 -3.59
N ASP B 54 7.66 19.74 -4.92
CA ASP B 54 6.74 18.85 -5.63
C ASP B 54 7.12 17.39 -5.45
N GLY B 55 6.14 16.53 -5.20
CA GLY B 55 6.32 15.10 -5.31
C GLY B 55 6.06 14.69 -6.76
N PRO B 56 5.81 13.39 -7.00
CA PRO B 56 5.73 12.85 -8.37
C PRO B 56 4.31 12.77 -8.97
N CYS B 57 3.27 13.08 -8.18
CA CYS B 57 1.90 12.92 -8.69
C CYS B 57 1.42 14.16 -9.40
N THR B 58 0.43 13.97 -10.29
CA THR B 58 -0.25 15.08 -10.95
C THR B 58 -1.72 14.69 -10.95
N PRO B 59 -2.61 15.64 -11.26
CA PRO B 59 -4.03 15.27 -11.35
C PRO B 59 -4.30 14.12 -12.32
N ARG B 60 -3.51 14.01 -13.39
CA ARG B 60 -3.69 12.96 -14.42
C ARG B 60 -3.32 11.56 -13.92
N ARG B 61 -2.28 11.45 -13.09
CA ARG B 61 -1.88 10.13 -12.59
C ARG B 61 -1.12 10.19 -11.28
N CYS B 62 -1.44 9.25 -10.39
CA CYS B 62 -0.76 9.10 -9.12
C CYS B 62 0.45 8.16 -9.27
N LEU B 63 1.60 8.61 -8.78
CA LEU B 63 2.85 7.86 -8.83
C LEU B 63 3.33 7.55 -7.41
N GLY B 64 2.40 7.49 -6.47
CA GLY B 64 2.74 7.29 -5.07
C GLY B 64 3.44 5.99 -4.73
N SER B 65 3.31 4.97 -5.58
CA SER B 65 3.97 3.68 -5.29
C SER B 65 5.41 3.63 -5.80
N LEU B 66 5.85 4.68 -6.49
CA LEU B 66 7.22 4.74 -7.01
C LEU B 66 8.20 4.85 -5.85
N VAL B 67 9.25 4.03 -5.89
CA VAL B 67 10.24 4.05 -4.80
C VAL B 67 11.10 5.32 -4.84
N LEU B 68 11.71 5.61 -5.98
CA LEU B 68 12.60 6.76 -6.12
C LEU B 68 12.01 7.86 -6.98
N PRO B 69 12.46 9.12 -6.76
CA PRO B 69 12.10 10.19 -7.69
C PRO B 69 12.64 9.89 -9.09
N ARG B 70 11.90 10.24 -10.15
CA ARG B 70 12.37 10.01 -11.51
C ARG B 70 13.77 10.61 -11.73
N LYS B 71 13.97 11.83 -11.24
CA LYS B 71 15.28 12.48 -11.28
C LYS B 71 15.70 12.92 -9.88
N PRO B 82 19.50 29.93 -7.12
CA PRO B 82 20.68 30.75 -6.85
C PRO B 82 20.80 31.09 -5.37
N ALA B 83 21.24 32.30 -5.06
CA ALA B 83 21.33 32.78 -3.68
C ALA B 83 19.94 33.07 -3.12
N GLU B 84 19.01 33.44 -4.01
CA GLU B 84 17.64 33.72 -3.62
C GLU B 84 16.94 32.48 -3.09
N GLN B 85 17.11 31.38 -3.80
CA GLN B 85 16.52 30.11 -3.38
C GLN B 85 17.09 29.67 -2.04
N LEU B 86 18.42 29.75 -1.91
CA LEU B 86 19.06 29.36 -0.66
C LEU B 86 18.57 30.24 0.49
N LEU B 87 18.54 31.54 0.23
CA LEU B 87 18.17 32.48 1.26
C LEU B 87 16.75 32.25 1.78
N SER B 88 15.82 31.91 0.89
CA SER B 88 14.44 31.72 1.33
C SER B 88 14.29 30.45 2.14
N GLN B 89 15.06 29.42 1.78
CA GLN B 89 15.06 28.16 2.54
C GLN B 89 15.72 28.36 3.90
N ALA B 90 16.79 29.14 3.91
CA ALA B 90 17.50 29.44 5.15
C ALA B 90 16.61 30.24 6.09
N ARG B 91 16.02 31.32 5.57
CA ARG B 91 15.08 32.13 6.33
C ARG B 91 13.94 31.28 6.92
N ASP B 92 13.29 30.47 6.08
CA ASP B 92 12.21 29.61 6.55
C ASP B 92 12.68 28.70 7.69
N PHE B 93 13.89 28.14 7.56
CA PHE B 93 14.37 27.25 8.60
C PHE B 93 14.67 28.00 9.90
N ILE B 94 15.33 29.14 9.79
CA ILE B 94 15.67 29.91 10.99
C ILE B 94 14.37 30.26 11.73
N ASN B 95 13.35 30.59 10.94
CA ASN B 95 12.02 30.88 11.49
C ASN B 95 11.44 29.66 12.20
N GLN B 96 11.57 28.49 11.57
CA GLN B 96 11.14 27.25 12.22
C GLN B 96 11.85 27.08 13.56
N TYR B 97 13.17 27.27 13.55
CA TYR B 97 13.97 27.09 14.75
C TYR B 97 13.52 28.02 15.90
N TYR B 98 13.43 29.30 15.61
CA TYR B 98 13.07 30.25 16.65
C TYR B 98 11.62 30.08 17.09
N SER B 99 10.76 29.65 16.18
CA SER B 99 9.41 29.33 16.59
C SER B 99 9.44 28.17 17.61
N SER B 100 10.28 27.17 17.34
CA SER B 100 10.36 25.98 18.18
C SER B 100 10.80 26.27 19.62
N ILE B 101 11.68 27.26 19.79
CA ILE B 101 12.11 27.63 21.13
C ILE B 101 11.26 28.78 21.67
N LYS B 102 10.17 29.07 20.97
CA LYS B 102 9.25 30.15 21.33
C LYS B 102 9.93 31.50 21.51
N ARG B 103 10.68 31.92 20.49
CA ARG B 103 11.38 33.20 20.53
C ARG B 103 11.29 33.91 19.17
N SER B 104 10.17 33.73 18.48
CA SER B 104 9.96 34.38 17.19
C SER B 104 9.85 35.89 17.35
N GLY B 105 10.55 36.62 16.49
CA GLY B 105 10.52 38.07 16.55
C GLY B 105 11.48 38.63 17.59
N SER B 106 12.01 37.76 18.44
CA SER B 106 12.96 38.18 19.48
C SER B 106 14.22 38.80 18.89
N GLN B 107 15.01 39.43 19.75
CA GLN B 107 16.23 40.08 19.32
C GLN B 107 17.18 39.09 18.64
N ALA B 108 17.36 37.95 19.28
CA ALA B 108 18.27 36.93 18.77
C ALA B 108 17.80 36.39 17.42
N HIS B 109 16.48 36.32 17.24
CA HIS B 109 15.91 35.82 15.99
C HIS B 109 16.28 36.75 14.84
N GLU B 110 16.06 38.04 15.06
CA GLU B 110 16.30 39.04 14.03
C GLU B 110 17.78 39.07 13.65
N GLU B 111 18.65 39.06 14.66
CA GLU B 111 20.09 39.03 14.46
C GLU B 111 20.55 37.82 13.65
N ARG B 112 20.07 36.64 14.03
CA ARG B 112 20.45 35.41 13.37
C ARG B 112 20.08 35.46 11.89
N LEU B 113 18.90 36.00 11.59
CA LEU B 113 18.46 36.15 10.20
C LEU B 113 19.43 37.07 9.45
N GLN B 114 19.90 38.10 10.13
CA GLN B 114 20.86 39.02 9.52
C GLN B 114 22.19 38.33 9.25
N GLU B 115 22.65 37.52 10.20
CA GLU B 115 23.88 36.75 10.04
C GLU B 115 23.82 35.89 8.78
N VAL B 116 22.74 35.13 8.67
CA VAL B 116 22.53 34.25 7.53
C VAL B 116 22.52 35.03 6.21
N GLU B 117 21.78 36.13 6.20
CA GLU B 117 21.74 37.03 5.05
C GLU B 117 23.15 37.49 4.68
N ALA B 118 23.84 38.11 5.64
CA ALA B 118 25.17 38.64 5.40
C ALA B 118 26.13 37.55 4.88
N GLU B 119 26.03 36.35 5.44
CA GLU B 119 26.94 35.29 5.05
C GLU B 119 26.68 34.80 3.63
N VAL B 120 25.40 34.57 3.31
CA VAL B 120 25.02 34.17 1.96
C VAL B 120 25.41 35.24 0.94
N ALA B 121 25.11 36.49 1.24
CA ALA B 121 25.40 37.57 0.32
C ALA B 121 26.90 37.67 -0.01
N SER B 122 27.76 37.37 0.97
CA SER B 122 29.21 37.50 0.76
C SER B 122 29.87 36.24 0.21
N THR B 123 29.30 35.08 0.53
CA THR B 123 29.99 33.80 0.30
C THR B 123 29.15 32.80 -0.50
N GLY B 124 27.88 33.13 -0.72
CA GLY B 124 26.99 32.25 -1.45
C GLY B 124 26.48 31.09 -0.61
N THR B 125 26.90 31.05 0.66
CA THR B 125 26.47 29.97 1.53
C THR B 125 26.47 30.46 2.98
N TYR B 126 26.12 29.58 3.93
CA TYR B 126 26.18 29.94 5.33
C TYR B 126 26.37 28.69 6.17
N HIS B 127 26.42 28.85 7.49
CA HIS B 127 26.65 27.70 8.37
C HIS B 127 25.68 27.69 9.52
N LEU B 128 25.31 26.48 9.96
CA LEU B 128 24.37 26.32 11.05
C LEU B 128 25.10 26.33 12.40
N ARG B 129 24.43 26.87 13.42
CA ARG B 129 24.89 26.68 14.79
C ARG B 129 24.51 25.28 15.26
N GLU B 130 25.27 24.71 16.20
CA GLU B 130 24.99 23.34 16.66
C GLU B 130 23.54 23.12 17.11
N SER B 131 22.97 24.07 17.86
CA SER B 131 21.60 23.90 18.34
C SER B 131 20.57 23.88 17.18
N GLU B 132 20.85 24.66 16.13
CA GLU B 132 20.02 24.68 14.93
C GLU B 132 20.14 23.32 14.23
N LEU B 133 21.36 22.82 14.15
CA LEU B 133 21.62 21.52 13.56
C LEU B 133 20.88 20.40 14.29
N VAL B 134 20.93 20.43 15.62
CA VAL B 134 20.18 19.44 16.41
C VAL B 134 18.68 19.53 16.15
N PHE B 135 18.15 20.76 16.12
CA PHE B 135 16.74 20.96 15.82
C PHE B 135 16.39 20.45 14.42
N GLY B 136 17.22 20.79 13.45
CA GLY B 136 16.99 20.39 12.07
C GLY B 136 17.03 18.89 11.85
N ALA B 137 17.95 18.21 12.53
CA ALA B 137 18.05 16.76 12.37
C ALA B 137 16.77 16.09 12.88
N LYS B 138 16.32 16.51 14.06
CA LYS B 138 15.08 16.00 14.64
C LYS B 138 13.89 16.28 13.73
N GLN B 139 13.83 17.46 13.14
CA GLN B 139 12.71 17.80 12.25
C GLN B 139 12.70 16.95 11.00
N ALA B 140 13.89 16.65 10.47
CA ALA B 140 13.98 15.84 9.25
C ALA B 140 13.45 14.42 9.50
N TRP B 141 13.71 13.89 10.69
CA TRP B 141 13.18 12.59 11.07
C TRP B 141 11.68 12.72 11.24
N ARG B 142 11.27 13.73 11.98
CA ARG B 142 9.84 14.02 12.16
C ARG B 142 9.09 14.13 10.84
N ASN B 143 9.75 14.70 9.84
CA ASN B 143 9.10 14.92 8.55
C ASN B 143 9.11 13.73 7.60
N ALA B 144 9.84 12.67 7.94
CA ALA B 144 10.04 11.53 7.04
C ALA B 144 8.77 10.69 6.82
N PRO B 145 8.12 10.84 5.66
CA PRO B 145 6.79 10.22 5.48
C PRO B 145 6.81 8.69 5.53
N ARG B 146 7.95 8.08 5.21
CA ARG B 146 8.06 6.62 5.20
C ARG B 146 8.42 5.98 6.55
N CYS B 147 8.63 6.79 7.59
CA CYS B 147 9.07 6.21 8.87
C CYS B 147 7.93 5.94 9.86
N VAL B 148 7.68 4.67 10.18
CA VAL B 148 6.63 4.31 11.14
C VAL B 148 7.11 4.56 12.57
N GLY B 149 8.39 4.89 12.73
CA GLY B 149 8.96 5.00 14.07
C GLY B 149 9.01 6.40 14.65
N ARG B 150 8.22 7.31 14.09
CA ARG B 150 8.37 8.73 14.41
C ARG B 150 7.84 9.20 15.77
N ILE B 151 7.17 8.31 16.51
CA ILE B 151 6.76 8.66 17.86
C ILE B 151 7.99 9.01 18.70
N GLN B 152 9.15 8.52 18.26
CA GLN B 152 10.41 8.68 19.00
C GLN B 152 11.19 9.95 18.61
N TRP B 153 10.64 10.74 17.68
CA TRP B 153 11.39 11.78 16.96
C TRP B 153 12.13 12.83 17.79
N GLY B 154 11.62 13.15 18.97
CA GLY B 154 12.26 14.13 19.83
C GLY B 154 13.44 13.56 20.58
N LYS B 155 13.53 12.23 20.62
CA LYS B 155 14.64 11.56 21.30
C LYS B 155 15.67 11.11 20.26
N LEU B 156 16.64 11.97 20.02
CA LEU B 156 17.65 11.70 19.01
C LEU B 156 18.97 12.31 19.46
N GLN B 157 19.98 11.48 19.65
CA GLN B 157 21.31 11.97 20.00
C GLN B 157 22.03 12.48 18.73
N VAL B 158 22.48 13.73 18.76
CA VAL B 158 23.07 14.32 17.56
C VAL B 158 24.55 14.58 17.74
N PHE B 159 25.38 13.85 16.99
CA PHE B 159 26.82 14.06 17.04
C PHE B 159 27.23 15.02 15.93
N ASP B 160 27.87 16.12 16.32
CA ASP B 160 28.36 17.12 15.37
C ASP B 160 29.74 16.68 14.89
N ALA B 161 29.83 16.21 13.66
CA ALA B 161 31.12 15.77 13.13
C ALA B 161 31.54 16.69 11.99
N ARG B 162 31.06 17.94 12.01
CA ARG B 162 31.35 18.89 10.95
C ARG B 162 32.80 19.39 10.97
N ASP B 163 33.55 19.05 12.01
CA ASP B 163 34.97 19.42 12.09
C ASP B 163 35.88 18.29 11.57
N CYS B 164 35.31 17.48 10.70
CA CYS B 164 35.98 16.30 10.16
C CYS B 164 36.72 16.64 8.86
N SER B 165 37.98 16.27 8.74
CA SER B 165 38.75 16.64 7.55
C SER B 165 39.38 15.46 6.79
N SER B 166 39.03 14.23 7.17
CA SER B 166 39.66 13.06 6.55
C SER B 166 38.84 11.81 6.79
N ALA B 167 39.02 10.82 5.91
CA ALA B 167 38.30 9.55 6.02
C ALA B 167 38.61 8.86 7.36
N GLN B 168 39.88 8.91 7.76
CA GLN B 168 40.29 8.42 9.08
C GLN B 168 39.43 9.04 10.20
N GLU B 169 39.33 10.38 10.22
CA GLU B 169 38.46 11.06 11.19
C GLU B 169 37.01 10.58 11.09
N MET B 170 36.50 10.37 9.87
CA MET B 170 35.12 9.90 9.71
C MET B 170 34.95 8.55 10.41
N PHE B 171 35.96 7.69 10.26
CA PHE B 171 35.89 6.36 10.85
C PHE B 171 35.78 6.40 12.36
N THR B 172 36.53 7.31 12.98
CA THR B 172 36.49 7.47 14.42
C THR B 172 35.09 7.88 14.89
N TYR B 173 34.51 8.89 14.25
CA TYR B 173 33.16 9.29 14.59
C TYR B 173 32.16 8.14 14.39
N ILE B 174 32.29 7.45 13.26
CA ILE B 174 31.39 6.33 12.98
C ILE B 174 31.49 5.25 14.07
N CYS B 175 32.72 4.95 14.49
CA CYS B 175 32.91 3.97 15.57
C CYS B 175 32.26 4.42 16.86
N ASN B 176 32.43 5.69 17.22
CA ASN B 176 31.80 6.23 18.42
C ASN B 176 30.27 6.24 18.30
N HIS B 177 29.77 6.59 17.12
CA HIS B 177 28.34 6.52 16.84
C HIS B 177 27.78 5.13 17.18
N ILE B 178 28.39 4.10 16.61
CA ILE B 178 27.94 2.71 16.76
C ILE B 178 27.98 2.28 18.24
N LYS B 179 29.08 2.62 18.91
CA LYS B 179 29.25 2.33 20.32
C LYS B 179 28.13 2.97 21.15
N TYR B 180 27.90 4.27 20.94
CA TYR B 180 26.83 4.97 21.63
C TYR B 180 25.48 4.33 21.32
N ALA B 181 25.20 4.16 20.03
CA ALA B 181 23.87 3.73 19.61
C ALA B 181 23.53 2.30 20.03
N THR B 182 24.54 1.42 20.02
CA THR B 182 24.34 0.02 20.37
C THR B 182 24.08 -0.14 21.87
N ASN B 183 24.95 0.45 22.68
CA ASN B 183 24.72 0.57 24.13
C ASN B 183 24.42 -0.79 24.75
N ARG B 184 25.18 -1.79 24.31
CA ARG B 184 25.04 -3.16 24.81
C ARG B 184 23.64 -3.75 24.65
N GLY B 185 22.94 -3.34 23.60
CA GLY B 185 21.63 -3.90 23.33
C GLY B 185 20.50 -2.98 23.73
N ASN B 186 20.77 -2.02 24.62
CA ASN B 186 19.78 -1.01 24.93
C ASN B 186 19.91 0.14 23.95
N LEU B 187 19.42 -0.11 22.74
CA LEU B 187 19.64 0.78 21.59
C LEU B 187 19.09 2.21 21.78
N ARG B 188 19.85 3.16 21.24
CA ARG B 188 19.55 4.59 21.36
C ARG B 188 19.65 5.21 19.97
N SER B 189 18.63 5.95 19.57
CA SER B 189 18.62 6.57 18.25
C SER B 189 19.71 7.63 18.18
N ALA B 190 20.44 7.66 17.07
CA ALA B 190 21.49 8.65 16.94
C ALA B 190 21.74 9.06 15.50
N ILE B 191 22.32 10.25 15.34
CA ILE B 191 22.77 10.69 14.04
C ILE B 191 24.11 11.39 14.20
N THR B 192 25.02 11.16 13.26
CA THR B 192 26.29 11.85 13.20
C THR B 192 26.30 12.65 11.91
N VAL B 193 26.65 13.93 11.99
CA VAL B 193 26.57 14.82 10.84
C VAL B 193 27.97 15.30 10.39
N PHE B 194 28.38 14.86 9.20
CA PHE B 194 29.68 15.22 8.64
C PHE B 194 29.53 16.54 7.84
N PRO B 195 30.66 17.14 7.42
CA PRO B 195 30.58 18.49 6.83
C PRO B 195 29.67 18.57 5.61
N GLN B 196 29.01 19.71 5.47
CA GLN B 196 28.05 19.92 4.40
C GLN B 196 28.75 19.99 3.05
N ARG B 197 27.99 19.75 1.98
CA ARG B 197 28.49 19.98 0.63
C ARG B 197 28.88 21.45 0.44
N ALA B 198 29.92 21.69 -0.36
CA ALA B 198 30.31 23.03 -0.75
C ALA B 198 30.47 23.09 -2.28
N PRO B 199 30.13 24.24 -2.90
CA PRO B 199 30.24 24.44 -4.35
C PRO B 199 31.64 24.16 -4.88
N GLY B 200 31.75 23.46 -6.02
CA GLY B 200 33.05 23.16 -6.61
C GLY B 200 34.00 22.42 -5.69
N ARG B 201 33.44 21.48 -4.92
CA ARG B 201 34.24 20.57 -4.12
C ARG B 201 33.47 19.29 -3.98
N GLY B 202 34.17 18.16 -4.07
CA GLY B 202 33.56 16.86 -3.87
C GLY B 202 32.91 16.74 -2.49
N ASP B 203 31.97 15.81 -2.37
CA ASP B 203 31.27 15.60 -1.11
C ASP B 203 32.02 14.65 -0.20
N PHE B 204 31.82 14.81 1.11
CA PHE B 204 32.06 13.73 2.07
C PHE B 204 30.97 12.68 1.83
N ARG B 205 31.36 11.41 1.68
CA ARG B 205 30.38 10.34 1.46
C ARG B 205 30.79 9.08 2.20
N ILE B 206 29.80 8.38 2.73
CA ILE B 206 29.97 7.00 3.13
C ILE B 206 29.41 6.18 1.98
N TRP B 207 30.23 5.32 1.38
CA TRP B 207 29.79 4.54 0.23
C TRP B 207 28.79 3.46 0.59
N ASN B 208 28.91 2.90 1.80
CA ASN B 208 27.97 1.85 2.21
C ASN B 208 26.56 2.39 2.44
N SER B 209 25.55 1.55 2.16
CA SER B 209 24.17 1.97 2.29
C SER B 209 23.80 1.96 3.77
N GLN B 210 24.40 1.06 4.53
CA GLN B 210 24.26 1.07 5.99
C GLN B 210 25.61 0.82 6.61
N LEU B 211 25.77 1.28 7.85
CA LEU B 211 27.04 1.12 8.57
C LEU B 211 27.38 -0.35 8.80
N VAL B 212 26.36 -1.17 9.07
CA VAL B 212 26.52 -2.61 9.15
C VAL B 212 25.73 -3.30 8.04
N ARG B 213 26.41 -4.07 7.21
CA ARG B 213 25.77 -4.80 6.10
C ARG B 213 26.48 -6.12 5.95
N TYR B 214 25.78 -7.13 5.43
CA TYR B 214 26.44 -8.41 5.17
C TYR B 214 26.89 -8.48 3.72
N ALA B 215 28.06 -9.09 3.50
CA ALA B 215 28.60 -9.22 2.16
C ALA B 215 27.70 -10.08 1.30
N GLY B 216 27.75 -9.84 0.00
CA GLY B 216 27.09 -10.69 -0.97
C GLY B 216 28.11 -11.08 -2.03
N TYR B 217 28.48 -12.36 -2.04
CA TYR B 217 29.46 -12.89 -2.98
C TYR B 217 28.80 -13.63 -4.12
N ARG B 218 29.03 -13.15 -5.34
CA ARG B 218 28.52 -13.84 -6.52
C ARG B 218 29.38 -15.04 -6.89
N GLN B 219 28.77 -16.23 -6.88
CA GLN B 219 29.44 -17.46 -7.29
C GLN B 219 29.36 -17.58 -8.81
N GLN B 220 30.30 -18.33 -9.40
CA GLN B 220 30.36 -18.46 -10.87
C GLN B 220 29.08 -19.04 -11.47
N ASP B 221 28.39 -19.87 -10.69
CA ASP B 221 27.13 -20.49 -11.12
C ASP B 221 25.92 -19.56 -10.99
N GLY B 222 26.15 -18.26 -11.05
CA GLY B 222 25.07 -17.29 -11.08
C GLY B 222 24.44 -16.96 -9.74
N SER B 223 24.47 -17.89 -8.80
CA SER B 223 23.88 -17.66 -7.48
C SER B 223 24.66 -16.62 -6.68
N VAL B 224 24.17 -16.31 -5.48
CA VAL B 224 24.85 -15.38 -4.59
C VAL B 224 24.92 -15.97 -3.18
N ARG B 225 26.10 -15.88 -2.58
CA ARG B 225 26.25 -16.25 -1.18
C ARG B 225 26.22 -14.98 -0.33
N GLY B 226 25.37 -14.97 0.69
CA GLY B 226 25.21 -13.79 1.52
C GLY B 226 24.00 -12.99 1.11
N ASP B 227 24.13 -11.66 1.16
CA ASP B 227 23.03 -10.75 0.90
C ASP B 227 23.13 -10.18 -0.53
N PRO B 228 22.23 -10.61 -1.43
CA PRO B 228 22.20 -10.21 -2.85
C PRO B 228 22.05 -8.70 -3.03
N ALA B 229 21.44 -8.03 -2.06
CA ALA B 229 21.28 -6.58 -2.12
C ALA B 229 22.63 -5.85 -2.02
N ASN B 230 23.68 -6.56 -1.60
CA ASN B 230 24.96 -5.92 -1.34
C ASN B 230 26.10 -6.37 -2.24
N VAL B 231 25.76 -7.02 -3.36
CA VAL B 231 26.79 -7.52 -4.29
C VAL B 231 27.71 -6.41 -4.78
N GLU B 232 27.15 -5.25 -5.08
CA GLU B 232 27.91 -4.18 -5.70
C GLU B 232 28.91 -3.56 -4.72
N ILE B 233 28.42 -3.20 -3.54
CA ILE B 233 29.28 -2.65 -2.49
C ILE B 233 30.37 -3.65 -2.08
N THR B 234 29.99 -4.94 -1.97
CA THR B 234 30.95 -6.00 -1.70
C THR B 234 32.08 -6.02 -2.72
N GLU B 235 31.73 -5.86 -3.99
CA GLU B 235 32.72 -5.90 -5.05
C GLU B 235 33.56 -4.64 -5.04
N LEU B 236 32.95 -3.51 -4.69
CA LEU B 236 33.72 -2.27 -4.58
C LEU B 236 34.78 -2.42 -3.50
N CYS B 237 34.39 -3.03 -2.38
CA CYS B 237 35.30 -3.23 -1.25
C CYS B 237 36.52 -4.05 -1.65
N ILE B 238 36.26 -5.18 -2.29
CA ILE B 238 37.32 -6.08 -2.73
C ILE B 238 38.26 -5.34 -3.68
N GLN B 239 37.67 -4.63 -4.64
CA GLN B 239 38.44 -3.83 -5.59
C GLN B 239 39.29 -2.76 -4.89
N HIS B 240 38.81 -2.27 -3.76
CA HIS B 240 39.56 -1.30 -2.98
C HIS B 240 40.44 -1.95 -1.92
N GLY B 241 40.72 -3.24 -2.09
CA GLY B 241 41.72 -3.92 -1.29
C GLY B 241 41.26 -4.84 -0.18
N TRP B 242 39.94 -5.01 -0.03
CA TRP B 242 39.42 -5.87 1.04
C TRP B 242 39.65 -7.35 0.78
N THR B 243 40.23 -8.04 1.77
CA THR B 243 40.30 -9.50 1.77
C THR B 243 38.93 -10.06 2.21
N PRO B 244 38.21 -10.69 1.26
CA PRO B 244 36.83 -11.15 1.47
C PRO B 244 36.76 -12.39 2.33
N GLY B 245 35.60 -12.61 2.96
CA GLY B 245 35.30 -13.88 3.60
C GLY B 245 34.55 -14.75 2.60
N ASN B 246 33.84 -15.76 3.10
CA ASN B 246 33.03 -16.58 2.21
C ASN B 246 31.84 -17.17 2.95
N GLY B 247 31.39 -16.46 3.98
CA GLY B 247 30.20 -16.85 4.74
C GLY B 247 28.94 -16.19 4.22
N ARG B 248 27.82 -16.46 4.88
CA ARG B 248 26.53 -15.89 4.48
C ARG B 248 26.29 -14.59 5.23
N PHE B 249 27.08 -14.37 6.28
CA PHE B 249 26.87 -13.22 7.14
C PHE B 249 28.21 -12.57 7.48
N ASP B 250 28.98 -12.23 6.45
CA ASP B 250 30.23 -11.53 6.64
C ASP B 250 29.98 -10.02 6.69
N VAL B 251 30.31 -9.39 7.82
CA VAL B 251 30.13 -7.94 7.97
C VAL B 251 31.10 -7.19 7.04
N LEU B 252 30.57 -6.29 6.22
CA LEU B 252 31.41 -5.56 5.27
C LEU B 252 32.27 -4.50 5.94
N PRO B 253 33.42 -4.19 5.35
CA PRO B 253 34.18 -3.01 5.80
C PRO B 253 33.49 -1.76 5.28
N LEU B 254 33.87 -0.59 5.78
CA LEU B 254 33.31 0.65 5.26
C LEU B 254 34.22 1.29 4.22
N LEU B 255 33.62 1.81 3.15
CA LEU B 255 34.33 2.70 2.24
C LEU B 255 33.93 4.13 2.60
N LEU B 256 34.91 4.91 3.03
CA LEU B 256 34.67 6.28 3.49
C LEU B 256 35.40 7.25 2.58
N GLN B 257 34.72 8.30 2.16
CA GLN B 257 35.33 9.22 1.21
C GLN B 257 35.35 10.68 1.66
N ALA B 258 36.56 11.24 1.72
CA ALA B 258 36.79 12.66 1.95
C ALA B 258 36.81 13.32 0.58
N PRO B 259 36.50 14.63 0.51
CA PRO B 259 36.30 15.33 -0.77
C PRO B 259 37.41 15.18 -1.80
N ASP B 260 37.02 14.74 -3.01
CA ASP B 260 37.92 14.62 -4.14
C ASP B 260 39.10 13.68 -3.87
N GLU B 261 38.88 12.77 -2.92
CA GLU B 261 39.86 11.73 -2.60
C GLU B 261 39.26 10.38 -2.90
N ALA B 262 40.12 9.42 -3.25
CA ALA B 262 39.65 8.05 -3.40
C ALA B 262 39.16 7.55 -2.03
N PRO B 263 38.09 6.76 -2.03
CA PRO B 263 37.55 6.22 -0.76
C PRO B 263 38.61 5.40 -0.03
N GLU B 264 38.52 5.35 1.29
CA GLU B 264 39.42 4.50 2.06
C GLU B 264 38.64 3.39 2.76
N LEU B 265 39.32 2.27 3.00
CA LEU B 265 38.68 1.08 3.55
C LEU B 265 39.01 0.98 5.04
N PHE B 266 37.97 0.73 5.84
CA PHE B 266 38.12 0.56 7.28
C PHE B 266 37.25 -0.61 7.74
N VAL B 267 37.89 -1.60 8.38
CA VAL B 267 37.19 -2.75 8.93
C VAL B 267 36.69 -2.37 10.33
N LEU B 268 35.42 -2.65 10.61
CA LEU B 268 34.85 -2.33 11.91
C LEU B 268 35.34 -3.37 12.90
N PRO B 269 35.77 -2.92 14.09
CA PRO B 269 36.18 -3.87 15.14
C PRO B 269 34.98 -4.74 15.53
N PRO B 270 35.12 -6.06 15.38
CA PRO B 270 34.00 -7.01 15.53
C PRO B 270 33.25 -6.88 16.86
N GLU B 271 33.92 -6.38 17.89
CA GLU B 271 33.28 -6.16 19.18
C GLU B 271 32.31 -4.98 19.16
N LEU B 272 32.41 -4.13 18.13
CA LEU B 272 31.50 -3.00 17.97
C LEU B 272 30.20 -3.39 17.31
N VAL B 273 30.20 -4.55 16.65
CA VAL B 273 29.03 -4.95 15.87
C VAL B 273 28.25 -6.05 16.59
N LEU B 274 27.16 -5.67 17.24
CA LEU B 274 26.36 -6.60 18.01
C LEU B 274 25.44 -7.36 17.07
N GLU B 275 25.40 -8.68 17.23
CA GLU B 275 24.59 -9.52 16.36
C GLU B 275 23.75 -10.48 17.19
N VAL B 276 22.58 -10.82 16.66
CA VAL B 276 21.64 -11.68 17.33
C VAL B 276 21.42 -12.96 16.52
N PRO B 277 21.94 -14.10 17.02
CA PRO B 277 21.65 -15.38 16.37
C PRO B 277 20.16 -15.72 16.50
N LEU B 278 19.55 -16.19 15.41
CA LEU B 278 18.10 -16.46 15.42
C LEU B 278 17.77 -17.88 15.83
N GLU B 279 16.89 -18.01 16.81
CA GLU B 279 16.30 -19.30 17.15
C GLU B 279 14.79 -19.11 17.32
N HIS B 280 14.05 -20.21 17.29
CA HIS B 280 12.60 -20.16 17.41
C HIS B 280 12.24 -20.70 18.79
N PRO B 281 11.19 -20.14 19.43
CA PRO B 281 10.85 -20.54 20.80
C PRO B 281 10.34 -21.97 20.95
N THR B 282 9.84 -22.57 19.88
CA THR B 282 9.34 -23.95 19.98
C THR B 282 9.94 -24.91 18.97
N LEU B 283 10.41 -24.38 17.83
CA LEU B 283 10.98 -25.20 16.75
C LEU B 283 12.51 -25.28 16.82
N GLU B 284 13.02 -26.42 17.31
CA GLU B 284 14.45 -26.57 17.61
C GLU B 284 15.36 -26.57 16.40
N TRP B 285 14.86 -27.10 15.29
CA TRP B 285 15.63 -27.15 14.06
C TRP B 285 15.95 -25.75 13.53
N PHE B 286 15.25 -24.73 14.04
CA PHE B 286 15.39 -23.39 13.49
C PHE B 286 16.78 -22.81 13.71
N ALA B 287 17.30 -22.96 14.92
CA ALA B 287 18.65 -22.49 15.23
C ALA B 287 19.66 -23.08 14.26
N ALA B 288 19.44 -24.34 13.90
CA ALA B 288 20.30 -25.05 12.97
C ALA B 288 20.39 -24.39 11.59
N LEU B 289 19.43 -23.51 11.27
CA LEU B 289 19.49 -22.79 10.00
C LEU B 289 20.71 -21.86 9.93
N GLY B 290 21.34 -21.61 11.08
CA GLY B 290 22.49 -20.72 11.15
C GLY B 290 22.20 -19.30 10.70
N LEU B 291 21.03 -18.78 11.06
CA LEU B 291 20.63 -17.43 10.70
C LEU B 291 21.01 -16.45 11.81
N ARG B 292 21.26 -15.20 11.46
CA ARG B 292 21.49 -14.17 12.45
C ARG B 292 21.26 -12.81 11.80
N TRP B 293 21.09 -11.77 12.62
CA TRP B 293 21.04 -10.42 12.08
C TRP B 293 21.74 -9.45 13.02
N TYR B 294 22.17 -8.30 12.49
CA TYR B 294 22.82 -7.29 13.34
C TYR B 294 21.78 -6.47 14.06
N ALA B 295 22.16 -5.95 15.23
CA ALA B 295 21.24 -5.23 16.09
C ALA B 295 20.91 -3.83 15.55
N LEU B 296 21.86 -3.24 14.84
CA LEU B 296 21.82 -1.81 14.56
C LEU B 296 21.48 -1.44 13.12
N PRO B 297 20.29 -0.85 12.91
CA PRO B 297 19.93 -0.39 11.57
C PRO B 297 20.40 1.06 11.43
N ALA B 298 21.44 1.26 10.64
CA ALA B 298 22.05 2.58 10.54
C ALA B 298 22.26 2.97 9.09
N VAL B 299 21.35 3.78 8.55
CA VAL B 299 21.42 4.12 7.13
C VAL B 299 22.40 5.26 6.88
N SER B 300 23.24 5.10 5.85
CA SER B 300 24.42 5.94 5.73
C SER B 300 24.57 6.57 4.34
N ASN B 301 23.63 6.29 3.44
CA ASN B 301 23.74 6.85 2.09
C ASN B 301 22.70 7.93 1.74
N MET B 302 21.96 8.41 2.74
CA MET B 302 20.96 9.44 2.48
C MET B 302 21.52 10.82 2.75
N LEU B 303 20.89 11.82 2.13
CA LEU B 303 21.32 13.21 2.27
C LEU B 303 20.40 13.92 3.26
N LEU B 304 21.00 14.69 4.16
CA LEU B 304 20.22 15.44 5.14
C LEU B 304 20.18 16.89 4.67
N GLU B 305 18.98 17.40 4.47
CA GLU B 305 18.83 18.80 4.01
C GLU B 305 18.21 19.64 5.09
N ILE B 306 18.91 20.72 5.47
CA ILE B 306 18.43 21.63 6.50
C ILE B 306 18.65 23.06 6.04
N GLY B 307 17.57 23.83 5.96
CA GLY B 307 17.66 25.23 5.57
C GLY B 307 18.41 25.51 4.27
N GLY B 308 18.33 24.59 3.32
CA GLY B 308 19.02 24.79 2.05
C GLY B 308 20.41 24.20 2.04
N LEU B 309 20.94 23.89 3.23
CA LEU B 309 22.26 23.26 3.32
C LEU B 309 22.12 21.76 3.18
N GLU B 310 23.10 21.13 2.53
CA GLU B 310 23.00 19.69 2.30
C GLU B 310 24.15 18.93 2.95
N PHE B 311 23.78 17.91 3.71
CA PHE B 311 24.73 17.05 4.38
C PHE B 311 24.74 15.65 3.74
N SER B 312 25.71 15.43 2.85
CA SER B 312 25.81 14.22 2.03
C SER B 312 26.25 12.99 2.82
N ALA B 313 26.81 13.21 4.02
CA ALA B 313 27.14 12.11 4.90
C ALA B 313 26.62 12.45 6.30
N ALA B 314 25.56 11.76 6.69
CA ALA B 314 24.93 11.98 7.99
C ALA B 314 24.21 10.71 8.40
N PRO B 315 24.97 9.67 8.73
CA PRO B 315 24.33 8.37 8.99
C PRO B 315 23.50 8.40 10.26
N PHE B 316 22.36 7.71 10.22
CA PHE B 316 21.44 7.73 11.35
C PHE B 316 20.92 6.33 11.66
N SER B 317 20.72 6.06 12.95
CA SER B 317 20.30 4.74 13.38
C SER B 317 19.23 4.81 14.43
N GLY B 318 18.42 3.75 14.50
CA GLY B 318 17.42 3.62 15.54
C GLY B 318 17.48 2.20 16.04
N TRP B 319 16.34 1.51 15.98
CA TRP B 319 16.31 0.10 16.28
C TRP B 319 15.33 -0.55 15.31
N TYR B 320 15.37 -1.87 15.20
CA TYR B 320 14.63 -2.54 14.13
C TYR B 320 13.17 -2.74 14.51
N MET B 321 12.30 -2.71 13.51
CA MET B 321 10.97 -3.27 13.67
C MET B 321 11.08 -4.68 13.11
N SER B 322 10.52 -5.67 13.80
CA SER B 322 10.81 -7.05 13.48
C SER B 322 10.59 -7.47 12.01
N THR B 323 9.62 -6.85 11.32
CA THR B 323 9.32 -7.28 9.94
C THR B 323 10.42 -6.93 8.94
N GLU B 324 11.18 -5.88 9.22
CA GLU B 324 12.30 -5.51 8.34
C GLU B 324 13.24 -6.70 8.18
N ILE B 325 13.54 -7.35 9.30
CA ILE B 325 14.38 -8.54 9.31
C ILE B 325 13.63 -9.81 8.91
N GLY B 326 12.60 -10.14 9.67
CA GLY B 326 11.89 -11.41 9.48
C GLY B 326 11.14 -11.55 8.15
N THR B 327 10.64 -10.43 7.63
CA THR B 327 9.86 -10.49 6.38
C THR B 327 10.69 -10.05 5.18
N ARG B 328 11.15 -8.81 5.17
CA ARG B 328 11.88 -8.29 4.02
C ARG B 328 13.28 -8.89 3.85
N ASN B 329 14.15 -8.68 4.83
CA ASN B 329 15.54 -9.13 4.71
C ASN B 329 15.68 -10.64 4.52
N LEU B 330 14.90 -11.42 5.26
CA LEU B 330 15.05 -12.87 5.20
C LEU B 330 14.15 -13.54 4.14
N CYS B 331 12.99 -12.96 3.86
CA CYS B 331 12.01 -13.61 2.97
C CYS B 331 11.87 -13.03 1.55
N ASP B 332 12.31 -11.79 1.32
CA ASP B 332 12.27 -11.26 -0.05
C ASP B 332 13.00 -12.24 -0.96
N PRO B 333 12.45 -12.46 -2.17
CA PRO B 333 13.02 -13.44 -3.09
C PRO B 333 14.38 -12.99 -3.58
N HIS B 334 14.61 -11.67 -3.58
CA HIS B 334 15.88 -11.09 -4.00
C HIS B 334 16.78 -10.73 -2.81
N ARG B 335 16.45 -11.25 -1.63
CA ARG B 335 17.35 -11.13 -0.46
C ARG B 335 17.78 -12.54 -0.02
N TYR B 336 17.67 -12.86 1.27
CA TYR B 336 18.08 -14.21 1.72
C TYR B 336 17.15 -15.33 1.25
N ASN B 337 15.91 -14.98 0.93
CA ASN B 337 14.98 -15.93 0.28
C ASN B 337 14.84 -17.28 1.02
N ILE B 338 14.61 -17.26 2.33
CA ILE B 338 14.63 -18.49 3.12
C ILE B 338 13.26 -19.19 3.28
N LEU B 339 12.22 -18.59 2.72
CA LEU B 339 10.83 -19.06 2.88
C LEU B 339 10.69 -20.55 2.59
N GLU B 340 11.21 -21.01 1.47
CA GLU B 340 11.02 -22.41 1.08
C GLU B 340 11.79 -23.35 2.01
N ASP B 341 12.99 -22.93 2.41
CA ASP B 341 13.79 -23.72 3.35
C ASP B 341 12.98 -23.98 4.63
N VAL B 342 12.48 -22.90 5.22
CA VAL B 342 11.75 -22.94 6.49
C VAL B 342 10.46 -23.76 6.38
N ALA B 343 9.72 -23.54 5.28
CA ALA B 343 8.50 -24.30 5.03
C ALA B 343 8.77 -25.81 4.93
N VAL B 344 9.88 -26.18 4.29
CA VAL B 344 10.24 -27.60 4.17
C VAL B 344 10.56 -28.18 5.54
N CAS B 345 11.32 -27.44 6.33
CA CAS B 345 11.62 -27.87 7.69
CB CAS B 345 12.61 -26.91 8.35
C CAS B 345 10.35 -27.96 8.55
O CAS B 345 10.32 -28.69 9.54
SG CAS B 345 14.14 -26.67 7.41
AS CAS B 345 15.23 -28.32 8.79
CE1 CAS B 345 17.06 -27.54 9.00
CE2 CAS B 345 14.90 -29.71 7.39
N MET B 346 9.32 -27.23 8.16
CA MET B 346 8.04 -27.29 8.84
C MET B 346 7.18 -28.39 8.24
N ASP B 347 7.72 -29.09 7.25
CA ASP B 347 6.99 -30.15 6.55
C ASP B 347 5.65 -29.62 6.01
N LEU B 348 5.69 -28.45 5.40
CA LEU B 348 4.50 -27.88 4.77
C LEU B 348 4.47 -28.27 3.31
N ASP B 349 3.28 -28.26 2.73
CA ASP B 349 3.09 -28.62 1.34
C ASP B 349 3.48 -27.46 0.43
N THR B 350 4.69 -27.50 -0.13
CA THR B 350 5.15 -26.42 -1.00
C THR B 350 4.67 -26.58 -2.44
N ARG B 351 3.88 -27.63 -2.68
CA ARG B 351 3.39 -27.92 -4.02
C ARG B 351 2.44 -26.84 -4.49
N THR B 352 1.50 -26.47 -3.65
CA THR B 352 0.49 -25.49 -4.02
C THR B 352 0.54 -24.23 -3.15
N THR B 353 0.15 -23.11 -3.73
CA THR B 353 0.08 -21.84 -3.02
C THR B 353 -1.07 -21.86 -2.01
N SER B 354 -2.06 -22.73 -2.27
CA SER B 354 -3.29 -22.70 -1.48
C SER B 354 -3.14 -23.35 -0.09
N SER B 355 -2.01 -23.98 0.17
CA SER B 355 -1.68 -24.46 1.52
C SER B 355 -1.25 -23.29 2.41
N LEU B 356 -1.00 -22.15 1.78
CA LEU B 356 -0.49 -20.95 2.48
C LEU B 356 0.81 -21.22 3.20
N TRP B 357 1.64 -22.09 2.61
CA TRP B 357 2.94 -22.42 3.17
C TRP B 357 3.82 -21.19 3.36
N LYS B 358 3.77 -20.25 2.42
CA LYS B 358 4.57 -19.04 2.52
C LYS B 358 4.15 -18.21 3.73
N ASP B 359 2.84 -18.10 3.94
CA ASP B 359 2.30 -17.26 4.99
C ASP B 359 2.66 -17.85 6.36
N LYS B 360 2.50 -19.16 6.46
CA LYS B 360 2.84 -19.88 7.69
C LYS B 360 4.33 -19.74 8.03
N ALA B 361 5.19 -19.95 7.04
CA ALA B 361 6.64 -19.84 7.27
C ALA B 361 7.04 -18.42 7.67
N ALA B 362 6.48 -17.43 6.97
CA ALA B 362 6.82 -16.03 7.22
C ALA B 362 6.54 -15.67 8.69
N VAL B 363 5.37 -16.10 9.18
CA VAL B 363 4.97 -15.84 10.56
C VAL B 363 5.94 -16.43 11.57
N GLU B 364 6.34 -17.68 11.36
CA GLU B 364 7.31 -18.30 12.27
C GLU B 364 8.68 -17.63 12.21
N ILE B 365 9.06 -17.14 11.03
CA ILE B 365 10.34 -16.45 10.90
C ILE B 365 10.31 -15.14 11.67
N ASN B 366 9.21 -14.40 11.54
CA ASN B 366 9.06 -13.16 12.28
C ASN B 366 9.03 -13.40 13.78
N LEU B 367 8.44 -14.51 14.18
CA LEU B 367 8.40 -14.90 15.59
C LEU B 367 9.80 -15.19 16.11
N ALA B 368 10.60 -15.89 15.31
CA ALA B 368 11.97 -16.22 15.73
C ALA B 368 12.80 -14.96 15.92
N VAL B 369 12.53 -13.94 15.10
CA VAL B 369 13.27 -12.69 15.18
C VAL B 369 12.94 -11.97 16.50
N LEU B 370 11.64 -11.88 16.80
CA LEU B 370 11.19 -11.26 18.05
C LEU B 370 11.71 -11.99 19.27
N HIS B 371 11.55 -13.31 19.29
CA HIS B 371 12.03 -14.15 20.38
C HIS B 371 13.52 -14.00 20.59
N SER B 372 14.28 -14.09 19.50
CA SER B 372 15.74 -14.04 19.58
C SER B 372 16.24 -12.68 20.09
N PHE B 373 15.68 -11.59 19.59
CA PHE B 373 16.11 -10.26 20.03
C PHE B 373 15.76 -10.06 21.51
N GLN B 374 14.60 -10.54 21.92
CA GLN B 374 14.15 -10.39 23.31
C GLN B 374 14.99 -11.24 24.26
N LEU B 375 15.37 -12.43 23.80
CA LEU B 375 16.25 -13.30 24.56
C LEU B 375 17.62 -12.65 24.77
N ALA B 376 18.09 -11.93 23.76
CA ALA B 376 19.43 -11.34 23.81
C ALA B 376 19.43 -9.93 24.41
N LYS B 377 18.25 -9.47 24.85
CA LYS B 377 18.10 -8.13 25.43
C LYS B 377 18.54 -7.05 24.45
N VAL B 378 18.16 -7.21 23.19
CA VAL B 378 18.41 -6.17 22.20
C VAL B 378 17.08 -5.55 21.80
N THR B 379 17.03 -4.22 21.82
CA THR B 379 15.80 -3.50 21.54
C THR B 379 15.23 -3.91 20.17
N ILE B 380 13.93 -4.17 20.14
CA ILE B 380 13.23 -4.42 18.89
C ILE B 380 11.75 -4.17 19.13
N VAL B 381 11.02 -3.79 18.09
CA VAL B 381 9.60 -3.58 18.24
C VAL B 381 8.85 -4.37 17.17
N ASP B 382 7.77 -5.06 17.53
CA ASP B 382 6.99 -5.78 16.54
C ASP B 382 6.12 -4.79 15.77
N HIS B 383 5.59 -5.22 14.63
CA HIS B 383 4.82 -4.35 13.77
C HIS B 383 3.47 -3.93 14.37
N HIS B 384 2.92 -4.72 15.29
CA HIS B 384 1.66 -4.32 15.93
C HIS B 384 1.93 -3.15 16.88
N ALA B 385 2.90 -3.33 17.76
CA ALA B 385 3.23 -2.25 18.70
C ALA B 385 3.69 -0.99 17.97
N ALA B 386 4.49 -1.18 16.92
CA ALA B 386 4.99 -0.04 16.15
C ALA B 386 3.85 0.75 15.50
N THR B 387 2.91 0.06 14.83
CA THR B 387 1.86 0.78 14.14
C THR B 387 0.89 1.43 15.12
N VAL B 388 0.68 0.81 16.28
CA VAL B 388 -0.09 1.41 17.36
C VAL B 388 0.56 2.70 17.87
N SER B 389 1.88 2.68 18.03
CA SER B 389 2.59 3.92 18.39
C SER B 389 2.45 4.99 17.28
N PHE B 390 2.45 4.56 16.03
CA PHE B 390 2.33 5.53 14.94
C PHE B 390 0.96 6.24 14.91
N MET B 391 -0.12 5.51 15.21
CA MET B 391 -1.43 6.15 15.37
C MET B 391 -1.43 7.21 16.45
N LYS B 392 -0.78 6.92 17.57
CA LYS B 392 -0.67 7.90 18.66
C LYS B 392 0.10 9.09 18.12
N HIS B 393 1.13 8.81 17.33
CA HIS B 393 1.94 9.88 16.75
C HIS B 393 1.15 10.79 15.80
N LEU B 394 0.31 10.19 14.95
CA LEU B 394 -0.57 10.94 14.06
C LEU B 394 -1.46 11.88 14.87
N ASP B 395 -1.99 11.35 15.95
CA ASP B 395 -2.83 12.15 16.82
C ASP B 395 -2.02 13.28 17.45
N ASN B 396 -0.83 12.99 17.96
CA ASN B 396 0.03 14.03 18.52
C ASN B 396 0.32 15.12 17.50
N GLU B 397 0.61 14.69 16.28
CA GLU B 397 1.01 15.62 15.24
C GLU B 397 -0.17 16.43 14.73
N GLN B 398 -1.36 15.84 14.75
CA GLN B 398 -2.56 16.58 14.35
C GLN B 398 -2.74 17.78 15.27
N LYS B 399 -2.61 17.56 16.58
CA LYS B 399 -2.76 18.65 17.53
C LYS B 399 -1.62 19.64 17.43
N ALA B 400 -0.42 19.14 17.16
CA ALA B 400 0.78 19.96 17.21
C ALA B 400 0.97 20.80 15.96
N ARG B 401 0.71 20.22 14.79
CA ARG B 401 1.00 20.87 13.51
C ARG B 401 -0.17 20.83 12.52
N GLY B 402 -1.25 20.13 12.86
CA GLY B 402 -2.39 20.07 11.96
C GLY B 402 -2.25 19.04 10.86
N GLY B 403 -1.38 18.06 11.07
CA GLY B 403 -1.20 17.01 10.09
C GLY B 403 0.09 16.26 10.27
N CYS B 404 0.31 15.29 9.40
CA CYS B 404 1.54 14.50 9.44
C CYS B 404 1.72 13.85 8.07
N PRO B 405 2.83 14.17 7.39
CA PRO B 405 3.04 13.53 6.09
C PRO B 405 3.37 12.06 6.29
N ALA B 406 2.70 11.20 5.52
CA ALA B 406 2.86 9.78 5.69
C ALA B 406 2.60 9.01 4.40
N ASP B 407 3.46 8.03 4.14
CA ASP B 407 3.42 7.24 2.92
C ASP B 407 2.82 5.88 3.26
N TRP B 408 1.53 5.74 2.99
CA TRP B 408 0.76 4.55 3.37
C TRP B 408 1.44 3.23 2.95
N ALA B 409 1.98 3.20 1.73
CA ALA B 409 2.61 1.98 1.20
C ALA B 409 3.81 1.54 2.03
N TRP B 410 4.46 2.50 2.68
CA TRP B 410 5.63 2.20 3.50
C TRP B 410 5.28 2.02 4.97
N ILE B 411 4.23 2.71 5.42
CA ILE B 411 3.83 2.66 6.82
C ILE B 411 3.18 1.31 7.14
N VAL B 412 2.38 0.79 6.21
CA VAL B 412 1.73 -0.51 6.39
C VAL B 412 2.76 -1.64 6.24
N PRO B 413 2.86 -2.50 7.26
CA PRO B 413 3.90 -3.55 7.32
C PRO B 413 3.75 -4.58 6.21
N PRO B 414 4.83 -5.30 5.89
CA PRO B 414 4.83 -6.21 4.72
C PRO B 414 4.12 -7.56 4.98
N ILE B 415 3.81 -7.87 6.24
CA ILE B 415 2.88 -8.95 6.54
C ILE B 415 1.70 -8.39 7.35
N SER B 416 0.57 -9.09 7.30
CA SER B 416 -0.57 -8.77 8.16
C SER B 416 -1.01 -7.32 8.12
N GLY B 417 -0.95 -6.69 6.95
CA GLY B 417 -1.33 -5.29 6.81
C GLY B 417 -2.59 -4.85 7.53
N SER B 418 -3.72 -5.42 7.15
CA SER B 418 -5.03 -4.95 7.64
C SER B 418 -5.29 -5.38 9.07
N LEU B 419 -4.38 -6.18 9.61
CA LEU B 419 -4.43 -6.54 11.03
C LEU B 419 -3.82 -5.42 11.89
N THR B 420 -3.26 -4.40 11.24
CA THR B 420 -2.72 -3.24 11.98
C THR B 420 -3.61 -2.01 11.78
N PRO B 421 -3.65 -1.10 12.78
CA PRO B 421 -4.54 0.06 12.66
C PRO B 421 -4.20 0.99 11.49
N VAL B 422 -2.93 1.06 11.09
CA VAL B 422 -2.57 1.98 10.01
C VAL B 422 -3.20 1.65 8.66
N PHE B 423 -3.51 0.38 8.42
CA PHE B 423 -4.11 -0.04 7.15
C PHE B 423 -5.38 0.74 6.87
N HIS B 424 -6.16 0.99 7.93
CA HIS B 424 -7.50 1.57 7.80
C HIS B 424 -7.49 3.08 7.97
N GLN B 425 -6.28 3.62 8.08
CA GLN B 425 -6.10 5.06 8.23
C GLN B 425 -5.73 5.69 6.89
N GLU B 426 -6.51 6.66 6.42
CA GLU B 426 -6.09 7.40 5.23
C GLU B 426 -4.90 8.27 5.60
N MET B 427 -4.01 8.51 4.63
CA MET B 427 -2.84 9.33 4.88
C MET B 427 -2.59 10.29 3.73
N VAL B 428 -1.87 11.37 4.02
CA VAL B 428 -1.53 12.38 3.02
C VAL B 428 -0.02 12.45 2.94
N ASN B 429 0.53 12.35 1.73
CA ASN B 429 1.96 12.34 1.56
C ASN B 429 2.45 13.62 0.90
N TYR B 430 3.43 14.26 1.51
CA TYR B 430 4.01 15.49 0.98
C TYR B 430 5.40 15.71 1.55
N ILE B 431 6.14 16.61 0.94
CA ILE B 431 7.53 16.81 1.32
C ILE B 431 7.64 18.08 2.13
N LEU B 432 8.05 17.93 3.39
CA LEU B 432 8.42 19.07 4.24
C LEU B 432 9.93 19.10 4.39
N SER B 433 10.48 20.28 4.65
CA SER B 433 11.90 20.40 4.94
C SER B 433 12.05 20.99 6.35
N PRO B 434 13.08 20.58 7.11
CA PRO B 434 14.20 19.66 6.87
C PRO B 434 13.77 18.24 6.47
N ALA B 435 14.57 17.61 5.64
CA ALA B 435 14.19 16.34 5.04
C ALA B 435 15.39 15.43 4.86
N PHE B 436 15.15 14.13 4.92
CA PHE B 436 16.13 13.17 4.45
C PHE B 436 15.79 12.87 3.01
N ARG B 437 16.81 12.86 2.14
CA ARG B 437 16.63 12.64 0.71
C ARG B 437 17.54 11.52 0.19
N TYR B 438 17.12 10.90 -0.91
CA TYR B 438 18.00 10.03 -1.66
C TYR B 438 19.00 10.90 -2.41
N GLN B 439 20.18 10.34 -2.71
CA GLN B 439 21.20 11.02 -3.50
C GLN B 439 21.90 9.95 -4.34
N PRO B 440 22.54 10.36 -5.46
CA PRO B 440 23.16 9.36 -6.36
C PRO B 440 24.32 8.64 -5.69
N ASP B 441 24.67 7.46 -6.19
CA ASP B 441 25.83 6.74 -5.66
C ASP B 441 27.10 7.43 -6.11
N PRO B 442 28.07 7.53 -5.19
CA PRO B 442 29.27 8.34 -5.46
C PRO B 442 30.24 7.73 -6.46
N TRP B 443 29.97 6.50 -6.91
CA TRP B 443 30.84 5.84 -7.88
C TRP B 443 30.26 5.88 -9.30
CHA HEM C . -12.27 -5.03 -6.69
CHB HEM C . -10.92 -9.65 -7.20
CHC HEM C . -14.08 -10.02 -10.92
CHD HEM C . -14.71 -5.22 -10.93
C1A HEM C . -11.73 -6.27 -6.44
C2A HEM C . -11.01 -6.66 -5.24
C3A HEM C . -10.63 -7.93 -5.37
C4A HEM C . -11.11 -8.40 -6.66
CMA HEM C . -9.83 -8.75 -4.33
CAA HEM C . -10.76 -5.77 -4.00
CBA HEM C . -12.13 -5.73 -3.32
CGA HEM C . -12.15 -5.12 -1.93
O1A HEM C . -11.09 -5.12 -1.24
O2A HEM C . -13.25 -4.65 -1.53
C1B HEM C . -11.69 -10.13 -8.24
C2B HEM C . -11.68 -11.51 -8.67
C3B HEM C . -12.52 -11.63 -9.69
C4B HEM C . -13.12 -10.31 -9.95
CMB HEM C . -10.84 -12.66 -8.06
CAB HEM C . -12.79 -12.97 -10.42
CBB HEM C . -13.27 -13.00 -11.69
C1C HEM C . -14.56 -8.76 -11.23
C2C HEM C . -15.57 -8.43 -12.25
C3C HEM C . -15.73 -7.10 -12.23
C4C HEM C . -14.83 -6.55 -11.23
CMC HEM C . -16.30 -9.47 -13.14
CAC HEM C . -16.63 -6.17 -13.10
CBC HEM C . -17.21 -6.55 -14.26
C1D HEM C . -14.15 -4.71 -9.79
C2D HEM C . -14.18 -3.31 -9.37
C3D HEM C . -13.42 -3.28 -8.06
C4D HEM C . -12.99 -4.64 -7.81
CMD HEM C . -14.83 -2.10 -10.08
CAD HEM C . -13.13 -2.05 -7.19
CBD HEM C . -14.42 -1.46 -6.65
CGD HEM C . -14.05 -0.23 -5.85
O1D HEM C . -13.38 0.69 -6.41
O2D HEM C . -14.43 -0.18 -4.66
NA HEM C . -11.77 -7.36 -7.29
NB HEM C . -12.57 -9.42 -9.05
NC HEM C . -14.14 -7.59 -10.63
ND HEM C . -13.44 -5.46 -8.86
FE HEM C . -12.66 -7.35 -9.18
N1 H4B D . -7.39 -2.61 -0.41
C2 H4B D . -8.47 -3.35 -0.77
N2 H4B D . -8.34 -4.33 -1.70
N3 H4B D . -9.68 -3.10 -0.19
C4 H4B D . -9.84 -2.14 0.74
O4 H4B D . -10.96 -1.95 1.26
C4A H4B D . -8.74 -1.36 1.11
C8A H4B D . -7.51 -1.63 0.52
N5 H4B D . -8.86 -0.39 2.03
N8 H4B D . -6.41 -0.90 0.84
C6 H4B D . -7.88 0.70 1.93
C7 H4B D . -6.45 0.16 1.85
C9 H4B D . -8.03 1.73 3.05
O9 H4B D . -8.05 1.08 4.32
C10 H4B D . -6.84 2.69 3.02
C11 H4B D . -6.91 3.71 4.16
O10 H4B D . -6.83 3.35 1.73
C23 8EY E . -17.95 -0.27 -3.45
C24 8EY E . -17.32 -0.06 -2.21
C25 8EY E . -16.37 -0.96 -1.74
C26 8EY E . -16.03 -2.06 -2.54
C22 8EY E . -17.62 -1.36 -4.23
C21 8EY E . -16.66 -2.26 -3.77
C12 8EY E . -15.47 -4.36 -4.05
C11 8EY E . -16.68 -8.66 -8.83
C08 8EY E . -15.58 -5.54 -4.99
C07 8EY E . -16.29 -5.41 -6.18
C06 8EY E . -16.41 -6.50 -7.03
C09 8EY E . -14.98 -6.74 -4.66
C10 8EY E . -15.08 -7.83 -5.52
N01 8EY E . -14.47 -8.98 -5.18
C05 8EY E . -15.79 -7.71 -6.70
C04 8EY E . -15.89 -8.79 -7.55
C03 8EY E . -15.26 -9.99 -7.20
C02 8EY E . -14.53 -10.05 -6.00
N02 8EY E . -13.90 -11.20 -5.62
N31 8EY E . -19.61 1.38 -4.15
C30 8EY E . -18.83 0.61 -3.79
C27 8EY E . -15.69 -0.74 -0.41
N28 8EY E . -15.86 -1.90 0.49
N28 8EY E . -15.61 0.70 -0.13
C29 8EY E . -17.30 -2.22 0.63
C29 8EY E . -14.57 1.32 -0.99
O13 8EY E . -16.33 -3.34 -4.54
C1 GOL F . -12.20 0.77 2.53
O1 GOL F . -12.79 0.06 1.45
C2 GOL F . -12.02 -0.10 3.78
O2 GOL F . -12.27 -1.47 3.52
C3 GOL F . -12.93 0.39 4.91
O3 GOL F . -12.71 -0.37 6.08
ZN ZN G . -0.54 10.18 -5.69
CHA HEM H . 12.17 4.16 7.33
CHB HEM H . 11.18 2.23 11.66
CHC HEM H . 14.27 5.38 13.75
CHD HEM H . 14.45 7.88 9.60
C1A HEM H . 11.74 3.29 8.29
C2A HEM H . 11.07 2.03 8.07
C3A HEM H . 10.80 1.49 9.26
C4A HEM H . 11.27 2.40 10.29
CMA HEM H . 10.11 0.13 9.51
CAA HEM H . 10.80 1.40 6.68
CBA HEM H . 12.16 0.79 6.37
CGA HEM H . 12.21 -0.09 5.15
O1A HEM H . 11.16 -0.69 4.79
O2A HEM H . 13.34 -0.19 4.57
C1B HEM H . 11.95 2.88 12.60
C2B HEM H . 12.05 2.55 14.01
C3B HEM H . 12.88 3.40 14.59
C4B HEM H . 13.38 4.33 13.56
CMB HEM H . 11.31 1.40 14.74
CAB HEM H . 13.22 3.33 16.10
CBB HEM H . 13.80 4.34 16.76
C1C HEM H . 14.62 6.34 12.81
C2C HEM H . 15.55 7.46 12.99
C3C HEM H . 15.60 8.15 11.83
C4C HEM H . 14.70 7.48 10.89
CMC HEM H . 16.32 7.74 14.30
CAC HEM H . 16.39 9.42 11.45
CBC HEM H . 16.97 10.22 12.36
C1D HEM H . 13.88 7.11 8.61
C2D HEM H . 13.80 7.49 7.21
C3D HEM H . 13.09 6.33 6.52
C4D HEM H . 12.80 5.36 7.55
CMD HEM H . 14.31 8.77 6.52
CAD HEM H . 12.77 6.25 5.01
CBD HEM H . 13.98 5.69 4.27
CGD HEM H . 13.63 5.64 2.81
O1D HEM H . 12.82 6.48 2.33
O2D HEM H . 14.19 4.75 2.11
NA HEM H . 11.83 3.49 9.66
NB HEM H . 12.78 3.99 12.36
NC HEM H . 14.14 6.39 11.53
ND HEM H . 13.27 5.86 8.77
FE HEM H . 12.70 5.14 10.63
N1 H4B I . 7.40 -0.42 2.40
C2 H4B I . 8.51 -0.44 3.19
N2 H4B I . 8.42 -0.22 4.52
N3 H4B I . 9.73 -0.67 2.62
C4 H4B I . 9.86 -0.89 1.29
O4 H4B I . 10.98 -1.10 0.81
C4A H4B I . 8.73 -0.87 0.48
C8A H4B I . 7.49 -0.63 1.07
N5 H4B I . 8.84 -1.07 -0.86
N8 H4B I . 6.37 -0.58 0.32
C6 H4B I . 7.78 -0.49 -1.67
C7 H4B I . 6.40 -0.84 -1.12
C9 H4B I . 7.86 -0.96 -3.13
O9 H4B I . 7.96 -2.37 -3.13
C10 H4B I . 6.58 -0.55 -3.85
C11 H4B I . 6.63 -0.91 -5.33
O10 H4B I . 6.36 0.85 -3.67
C23 8EY J . 17.66 4.19 1.42
C24 8EY J . 17.10 3.18 0.64
C25 8EY J . 16.25 2.25 1.21
C26 8EY J . 15.94 2.32 2.57
C22 8EY J . 17.35 4.25 2.78
C21 8EY J . 16.50 3.31 3.34
C12 8EY J . 15.54 2.29 5.34
C11 8EY J . 16.75 4.39 11.41
C08 8EY J . 15.68 2.53 6.82
C07 8EY J . 16.33 3.68 7.30
C06 8EY J . 16.46 3.89 8.66
C09 8EY J . 15.13 1.62 7.71
C10 8EY J . 15.25 1.84 9.06
N01 8EY J . 14.73 0.94 9.91
C05 8EY J . 15.91 2.96 9.54
C04 8EY J . 16.02 3.17 10.90
C03 8EY J . 15.46 2.23 11.77
C02 8EY J . 14.82 1.10 11.25
N02 8EY J . 14.26 0.16 12.07
N31 8EY J . 19.15 5.78 0.32
C30 8EY J . 18.44 5.05 0.88
C27 8EY J . 15.64 1.16 0.35
N28 8EY J . 15.98 -0.15 0.92
N28 8EY J . 15.40 1.72 -0.99
C29 8EY J . 17.45 -0.33 0.92
C29 8EY J . 14.27 2.66 -0.97
O13 8EY J . 16.20 3.38 4.69
C1 GOL K . 12.98 -0.82 -2.42
O1 GOL K . 12.31 0.01 -1.49
C2 GOL K . 12.27 -2.16 -2.58
O2 GOL K . 11.15 -2.24 -1.71
C3 GOL K . 13.23 -3.30 -2.25
O3 GOL K . 12.92 -4.43 -3.04
#